data_4EEA
#
_entry.id   4EEA
#
_cell.length_a   107.322
_cell.length_b   196.204
_cell.length_c   143.594
_cell.angle_alpha   90.00
_cell.angle_beta   90.00
_cell.angle_gamma   90.00
#
_symmetry.space_group_name_H-M   'C 2 2 21'
#
loop_
_entity.id
_entity.type
_entity.pdbx_description
1 polymer 'Beta-1,4-galactosyltransferase 1'
2 branched 2-acetamido-2-deoxy-beta-D-glucopyranose-(1-6)-beta-D-galactopyranose-(1-4)-beta-D-glucopyranose
3 non-polymer "URIDINE-5'-DIPHOSPHATE"
4 non-polymer 'MANGANESE (II) ION'
5 non-polymer GLYCEROL
6 non-polymer 'SULFATE ION'
7 water water
#
_entity_poly.entity_id   1
_entity_poly.type   'polypeptide(L)'
_entity_poly.pdbx_seq_one_letter_code
;ASMTGGQQMGRGSASLPACPEESPLLVGPMLIEFNMPVDLELVAKQNPNVKMGGRYAPRDCVSPHKVAIIIPFRNRQEHL
KYWLYYLHPVLQRQQLDYGIYVINQAGDTIFNRAKLLNVGFQEALKDYDYTCFVFSDVDLIPMNDHNAYRCFSQPRHISV
AMDKFGFSLPYVQYFGGVSALSKQQFLTINGFPNNYWGWGGEDDDIFNRLVFRGMSISRPNAVVGTTRHIRHSRDKKNEP
NPQRFDRIAHTKETMLSDGLNSLTYQVLDVQRYPLYTQITVDIGTPS
;
_entity_poly.pdbx_strand_id   A,B,C
#
# COMPACT_ATOMS: atom_id res chain seq x y z
N SER A 15 -24.97 13.27 -19.19
CA SER A 15 -25.06 11.84 -18.78
C SER A 15 -23.70 11.10 -18.54
N LEU A 16 -22.76 11.67 -17.78
CA LEU A 16 -21.79 10.80 -17.06
C LEU A 16 -22.56 9.91 -16.07
N PRO A 17 -22.09 8.68 -15.81
CA PRO A 17 -22.83 7.91 -14.77
C PRO A 17 -22.47 8.44 -13.37
N ALA A 18 -23.23 8.04 -12.36
CA ALA A 18 -22.88 8.29 -10.98
C ALA A 18 -21.57 7.58 -10.67
N CYS A 19 -20.76 8.15 -9.78
CA CYS A 19 -19.56 7.46 -9.29
C CYS A 19 -20.03 6.22 -8.51
N PRO A 20 -19.19 5.17 -8.43
CA PRO A 20 -19.54 4.05 -7.54
C PRO A 20 -19.74 4.63 -6.11
N GLU A 21 -20.56 3.96 -5.30
CA GLU A 21 -20.91 4.40 -3.94
C GLU A 21 -19.68 4.48 -3.05
N GLU A 22 -18.78 3.50 -3.17
CA GLU A 22 -17.49 3.66 -2.56
C GLU A 22 -16.47 3.71 -3.67
N SER A 23 -15.48 4.60 -3.54
CA SER A 23 -14.51 4.72 -4.61
C SER A 23 -13.64 3.46 -4.71
N PRO A 24 -13.36 2.99 -5.95
CA PRO A 24 -12.48 1.84 -6.15
C PRO A 24 -11.00 2.20 -6.17
N LEU A 25 -10.70 3.51 -6.09
CA LEU A 25 -9.34 4.03 -6.20
C LEU A 25 -8.56 3.96 -4.86
N LEU A 26 -9.27 3.67 -3.76
CA LEU A 26 -8.67 3.85 -2.44
C LEU A 26 -7.58 2.80 -2.14
N VAL A 27 -6.50 3.19 -1.47
CA VAL A 27 -5.42 2.27 -1.11
C VAL A 27 -5.32 1.95 0.39
N GLY A 28 -6.19 2.55 1.19
CA GLY A 28 -6.17 2.36 2.65
C GLY A 28 -5.09 3.12 3.36
N PRO A 29 -4.30 2.41 4.17
CA PRO A 29 -3.42 3.03 5.12
C PRO A 29 -2.23 3.64 4.41
N MET A 30 -1.71 4.76 4.90
CA MET A 30 -0.76 5.53 4.14
C MET A 30 0.32 6.00 5.08
N LEU A 31 1.50 6.24 4.53
CA LEU A 31 2.57 6.79 5.32
C LEU A 31 2.62 8.32 5.31
N ILE A 32 2.62 8.91 6.50
CA ILE A 32 2.52 10.35 6.65
C ILE A 32 3.71 10.88 7.44
N GLU A 33 4.39 11.89 6.93
CA GLU A 33 5.51 12.44 7.68
C GLU A 33 5.59 13.92 7.46
N PHE A 34 6.08 14.63 8.48
CA PHE A 34 6.13 16.09 8.45
C PHE A 34 7.56 16.65 8.61
N ASN A 35 8.56 15.98 8.06
CA ASN A 35 9.91 16.46 8.36
C ASN A 35 10.70 16.75 7.10
N MET A 36 10.00 16.97 5.99
CA MET A 36 10.64 17.30 4.73
C MET A 36 10.08 18.64 4.27
N PRO A 37 10.77 19.33 3.34
CA PRO A 37 10.16 20.57 2.81
C PRO A 37 9.12 20.29 1.73
N VAL A 38 8.17 21.21 1.57
CA VAL A 38 7.08 21.04 0.61
C VAL A 38 7.05 22.23 -0.32
N ASP A 39 6.91 21.97 -1.61
CA ASP A 39 6.94 23.05 -2.55
C ASP A 39 5.63 23.02 -3.32
N LEU A 40 4.81 24.06 -3.13
CA LEU A 40 3.41 24.00 -3.59
C LEU A 40 3.37 24.06 -5.10
N GLU A 41 4.35 24.71 -5.71
CA GLU A 41 4.49 24.60 -7.17
C GLU A 41 4.58 23.18 -7.65
N LEU A 42 5.42 22.40 -6.99
CA LEU A 42 5.57 20.99 -7.31
C LEU A 42 4.28 20.21 -6.94
N VAL A 43 3.70 20.51 -5.78
CA VAL A 43 2.43 19.86 -5.43
C VAL A 43 1.41 20.13 -6.53
N ALA A 44 1.34 21.36 -7.01
CA ALA A 44 0.44 21.66 -8.12
C ALA A 44 0.73 20.81 -9.36
N LYS A 45 2.01 20.61 -9.71
CA LYS A 45 2.32 19.77 -10.89
C LYS A 45 2.05 18.28 -10.64
N GLN A 46 2.31 17.81 -9.42
CA GLN A 46 1.82 16.49 -9.04
C GLN A 46 0.28 16.30 -8.98
N ASN A 47 -0.47 17.41 -8.97
CA ASN A 47 -1.92 17.34 -8.97
C ASN A 47 -2.56 18.10 -10.12
N PRO A 48 -2.21 17.69 -11.36
CA PRO A 48 -2.58 18.50 -12.52
C PRO A 48 -4.09 18.63 -12.67
N ASN A 49 -4.88 17.73 -12.09
CA ASN A 49 -6.32 17.86 -12.35
C ASN A 49 -7.03 18.81 -11.38
N VAL A 50 -6.31 19.33 -10.40
CA VAL A 50 -6.89 20.27 -9.45
C VAL A 50 -6.84 21.64 -10.10
N LYS A 51 -8.02 22.24 -10.25
CA LYS A 51 -8.18 23.50 -10.97
C LYS A 51 -8.09 24.72 -10.08
N MET A 52 -7.99 25.91 -10.69
CA MET A 52 -7.63 27.12 -9.96
C MET A 52 -8.57 27.30 -8.76
N GLY A 53 -8.00 27.69 -7.62
CA GLY A 53 -8.73 27.80 -6.35
C GLY A 53 -8.90 26.47 -5.62
N GLY A 54 -8.25 25.42 -6.12
CA GLY A 54 -8.30 24.07 -5.54
C GLY A 54 -9.64 23.37 -5.70
N ARG A 55 -10.13 23.32 -6.92
CA ARG A 55 -11.40 22.68 -7.22
C ARG A 55 -11.15 21.45 -8.04
N TYR A 56 -11.86 20.37 -7.73
CA TYR A 56 -11.70 19.18 -8.51
C TYR A 56 -13.04 18.50 -8.51
N ALA A 57 -13.46 17.94 -9.65
CA ALA A 57 -14.52 16.93 -9.71
C ALA A 57 -14.04 15.79 -10.62
N PRO A 58 -14.54 14.55 -10.45
CA PRO A 58 -14.00 13.52 -11.35
C PRO A 58 -14.35 13.73 -12.82
N ARG A 59 -13.40 13.40 -13.70
CA ARG A 59 -13.68 13.40 -15.13
C ARG A 59 -14.66 12.33 -15.58
N ASP A 60 -14.71 11.16 -14.92
CA ASP A 60 -15.44 10.01 -15.49
C ASP A 60 -16.80 9.66 -14.92
N CYS A 61 -17.22 10.33 -13.86
CA CYS A 61 -18.50 10.03 -13.25
C CYS A 61 -18.86 11.25 -12.39
N VAL A 62 -20.13 11.35 -12.02
CA VAL A 62 -20.68 12.48 -11.27
C VAL A 62 -20.75 12.09 -9.78
N SER A 63 -19.97 12.78 -8.94
CA SER A 63 -20.05 12.55 -7.51
C SER A 63 -21.32 13.15 -6.89
N PRO A 64 -22.02 12.39 -6.02
CA PRO A 64 -23.11 13.01 -5.25
C PRO A 64 -22.54 13.86 -4.12
N HIS A 65 -21.22 13.86 -3.92
CA HIS A 65 -20.60 14.59 -2.82
C HIS A 65 -20.02 15.93 -3.30
N LYS A 66 -20.74 17.01 -2.99
CA LYS A 66 -20.35 18.37 -3.39
C LYS A 66 -19.89 19.03 -2.15
N VAL A 67 -18.58 18.97 -1.99
CA VAL A 67 -17.96 19.18 -0.71
C VAL A 67 -17.10 20.46 -0.67
N ALA A 68 -17.39 21.36 0.26
CA ALA A 68 -16.46 22.46 0.51
C ALA A 68 -15.69 22.14 1.77
N ILE A 69 -14.37 22.16 1.69
CA ILE A 69 -13.50 21.90 2.81
C ILE A 69 -13.03 23.23 3.37
N ILE A 70 -13.34 23.45 4.65
CA ILE A 70 -13.20 24.75 5.28
C ILE A 70 -12.14 24.65 6.35
N ILE A 71 -11.07 25.43 6.18
CA ILE A 71 -9.97 25.39 7.14
C ILE A 71 -9.82 26.71 7.89
N PRO A 72 -9.96 26.72 9.23
CA PRO A 72 -9.76 27.99 9.95
C PRO A 72 -8.27 28.25 9.99
N PHE A 73 -7.85 29.51 9.84
CA PHE A 73 -6.43 29.72 9.57
C PHE A 73 -5.94 31.08 10.06
N ARG A 74 -4.77 31.10 10.71
CA ARG A 74 -3.93 32.31 10.71
C ARG A 74 -2.49 31.91 10.97
N ASN A 75 -1.56 32.30 10.10
CA ASN A 75 -0.11 32.15 10.39
CA ASN A 75 -0.12 32.16 10.43
C ASN A 75 0.27 30.68 10.62
N ARG A 76 -0.21 29.82 9.74
CA ARG A 76 0.17 28.42 9.79
C ARG A 76 0.50 27.95 8.39
N GLN A 77 1.29 28.70 7.64
CA GLN A 77 1.50 28.37 6.20
C GLN A 77 2.21 27.03 6.02
N GLU A 78 3.12 26.73 6.94
CA GLU A 78 3.89 25.51 6.81
C GLU A 78 2.99 24.28 6.99
N HIS A 79 2.10 24.33 7.99
CA HIS A 79 1.14 23.25 8.22
C HIS A 79 0.27 23.08 6.99
N LEU A 80 -0.17 24.21 6.44
CA LEU A 80 -1.05 24.22 5.30
C LEU A 80 -0.44 23.55 4.06
N LYS A 81 0.86 23.76 3.83
CA LYS A 81 1.50 23.05 2.71
C LYS A 81 1.47 21.56 2.90
N TYR A 82 1.72 21.08 4.13
CA TYR A 82 1.58 19.64 4.39
C TYR A 82 0.14 19.22 4.10
N TRP A 83 -0.81 20.01 4.65
CA TRP A 83 -2.23 19.67 4.52
C TRP A 83 -2.52 19.46 3.03
N LEU A 84 -2.11 20.43 2.23
CA LEU A 84 -2.37 20.39 0.81
C LEU A 84 -1.66 19.24 0.10
N TYR A 85 -0.40 19.01 0.46
CA TYR A 85 0.36 17.88 -0.12
C TYR A 85 -0.32 16.51 0.12
N TYR A 86 -0.87 16.34 1.32
CA TYR A 86 -1.43 15.02 1.66
C TYR A 86 -2.89 14.91 1.24
N LEU A 87 -3.72 15.95 1.43
CA LEU A 87 -5.16 15.80 1.22
C LEU A 87 -5.55 15.80 -0.25
N HIS A 88 -4.90 16.64 -1.04
CA HIS A 88 -5.34 16.72 -2.43
C HIS A 88 -5.36 15.34 -3.10
N PRO A 89 -4.26 14.56 -2.99
CA PRO A 89 -4.34 13.23 -3.64
C PRO A 89 -5.46 12.35 -3.06
N VAL A 90 -5.69 12.47 -1.76
CA VAL A 90 -6.67 11.62 -1.10
C VAL A 90 -8.06 12.03 -1.53
N LEU A 91 -8.29 13.34 -1.63
CA LEU A 91 -9.66 13.78 -1.92
C LEU A 91 -10.03 13.41 -3.33
N GLN A 92 -9.06 13.48 -4.26
CA GLN A 92 -9.36 13.00 -5.62
C GLN A 92 -9.63 11.51 -5.69
N ARG A 93 -8.85 10.71 -4.95
CA ARG A 93 -9.12 9.24 -4.93
C ARG A 93 -10.51 8.92 -4.40
N GLN A 94 -11.00 9.79 -3.50
CA GLN A 94 -12.37 9.64 -2.97
C GLN A 94 -13.44 10.09 -3.94
N GLN A 95 -13.02 10.62 -5.09
CA GLN A 95 -13.98 10.92 -6.16
C GLN A 95 -15.01 12.00 -5.77
N LEU A 96 -14.56 12.98 -5.03
CA LEU A 96 -15.42 14.06 -4.50
C LEU A 96 -15.40 15.21 -5.53
N ASP A 97 -16.50 15.94 -5.58
CA ASP A 97 -16.58 17.20 -6.31
C ASP A 97 -16.31 18.26 -5.24
N TYR A 98 -15.06 18.72 -5.09
CA TYR A 98 -14.73 19.48 -3.90
C TYR A 98 -14.02 20.79 -4.15
N GLY A 99 -13.93 21.64 -3.12
CA GLY A 99 -13.14 22.88 -3.20
C GLY A 99 -12.51 23.14 -1.85
N ILE A 100 -11.33 23.71 -1.81
CA ILE A 100 -10.68 24.03 -0.58
C ILE A 100 -10.76 25.55 -0.30
N TYR A 101 -11.15 25.92 0.92
CA TYR A 101 -11.27 27.30 1.39
C TYR A 101 -10.45 27.46 2.66
N VAL A 102 -9.44 28.34 2.65
CA VAL A 102 -8.69 28.61 3.85
C VAL A 102 -9.24 29.94 4.34
N ILE A 103 -9.76 29.97 5.58
CA ILE A 103 -10.43 31.20 6.02
C ILE A 103 -9.43 31.86 6.94
N ASN A 104 -8.78 32.91 6.43
CA ASN A 104 -7.65 33.52 7.09
C ASN A 104 -8.12 34.70 7.96
N GLN A 105 -7.91 34.66 9.28
CA GLN A 105 -8.40 35.74 10.15
C GLN A 105 -7.43 36.93 10.05
N ALA A 106 -7.92 38.04 9.50
CA ALA A 106 -7.14 39.28 9.41
C ALA A 106 -6.77 39.79 10.80
N GLY A 107 -5.66 40.53 10.93
CA GLY A 107 -5.37 41.21 12.18
C GLY A 107 -4.71 40.30 13.18
N ASP A 108 -4.45 40.82 14.36
CA ASP A 108 -3.63 40.10 15.32
C ASP A 108 -4.29 40.04 16.65
N THR A 109 -5.62 40.11 16.68
CA THR A 109 -6.32 39.95 17.97
C THR A 109 -6.80 38.49 18.21
N ILE A 110 -7.44 38.24 19.35
CA ILE A 110 -7.69 36.87 19.80
C ILE A 110 -8.39 36.06 18.67
N PHE A 111 -7.93 34.82 18.47
CA PHE A 111 -8.42 33.92 17.42
C PHE A 111 -9.85 33.42 17.69
N ASN A 112 -10.60 33.18 16.61
CA ASN A 112 -11.98 32.68 16.75
C ASN A 112 -12.28 31.56 15.75
N ARG A 113 -11.91 30.34 16.14
CA ARG A 113 -11.98 29.21 15.19
C ARG A 113 -13.39 29.08 14.62
N ALA A 114 -14.41 29.04 15.49
CA ALA A 114 -15.76 28.70 14.99
C ALA A 114 -16.38 29.80 14.15
N LYS A 115 -16.03 31.07 14.43
CA LYS A 115 -16.62 32.13 13.61
C LYS A 115 -16.06 32.03 12.22
N LEU A 116 -14.78 31.64 12.11
CA LEU A 116 -14.16 31.56 10.76
C LEU A 116 -14.80 30.43 10.00
N LEU A 117 -15.08 29.33 10.70
CA LEU A 117 -15.82 28.25 10.09
C LEU A 117 -17.19 28.70 9.52
N ASN A 118 -17.94 29.53 10.26
CA ASN A 118 -19.19 30.07 9.71
C ASN A 118 -19.00 30.91 8.48
N VAL A 119 -17.96 31.74 8.50
CA VAL A 119 -17.62 32.55 7.29
C VAL A 119 -17.40 31.63 6.09
N GLY A 120 -16.65 30.54 6.34
CA GLY A 120 -16.37 29.60 5.28
C GLY A 120 -17.64 29.02 4.68
N PHE A 121 -18.56 28.60 5.54
CA PHE A 121 -19.78 28.02 5.02
C PHE A 121 -20.48 29.07 4.17
N GLN A 122 -20.60 30.30 4.68
CA GLN A 122 -21.43 31.28 3.96
C GLN A 122 -20.74 31.71 2.65
N GLU A 123 -19.42 31.88 2.70
CA GLU A 123 -18.70 32.31 1.48
C GLU A 123 -18.54 31.20 0.44
N ALA A 124 -18.29 29.95 0.87
CA ALA A 124 -18.19 28.89 -0.16
C ALA A 124 -19.46 28.76 -0.98
N LEU A 125 -20.61 28.94 -0.32
CA LEU A 125 -21.90 28.78 -0.98
C LEU A 125 -22.07 29.78 -2.11
N LYS A 126 -21.33 30.89 -2.05
CA LYS A 126 -21.39 31.88 -3.14
C LYS A 126 -20.66 31.38 -4.40
N ASP A 127 -19.76 30.41 -4.25
CA ASP A 127 -19.04 29.88 -5.43
C ASP A 127 -19.80 28.83 -6.16
N TYR A 128 -20.56 27.98 -5.43
CA TYR A 128 -20.99 26.75 -6.02
C TYR A 128 -22.04 26.17 -5.10
N ASP A 129 -22.91 25.35 -5.67
CA ASP A 129 -23.95 24.70 -4.93
C ASP A 129 -23.44 23.53 -4.07
N TYR A 130 -22.55 23.81 -3.12
CA TYR A 130 -22.06 22.82 -2.17
C TYR A 130 -23.19 22.34 -1.26
N THR A 131 -23.22 21.04 -0.96
CA THR A 131 -24.26 20.50 -0.08
C THR A 131 -23.65 19.74 1.11
N CYS A 132 -22.34 19.82 1.23
CA CYS A 132 -21.61 19.12 2.30
C CYS A 132 -20.44 19.99 2.69
N PHE A 133 -20.15 20.07 3.97
CA PHE A 133 -19.08 20.90 4.46
C PHE A 133 -18.18 20.13 5.38
N VAL A 134 -16.90 20.06 5.01
CA VAL A 134 -15.93 19.45 5.93
C VAL A 134 -15.21 20.61 6.63
N PHE A 135 -15.19 20.57 7.94
CA PHE A 135 -14.47 21.54 8.76
C PHE A 135 -13.23 20.83 9.27
N SER A 136 -12.05 21.26 8.82
CA SER A 136 -10.79 20.63 9.17
C SER A 136 -9.78 21.60 9.74
N ASP A 137 -9.29 21.35 10.96
CA ASP A 137 -8.07 22.01 11.40
C ASP A 137 -6.93 21.74 10.38
N VAL A 138 -5.95 22.64 10.33
CA VAL A 138 -4.98 22.65 9.25
C VAL A 138 -3.84 21.67 9.56
N ASP A 139 -3.80 21.21 10.80
CA ASP A 139 -2.69 20.41 11.25
C ASP A 139 -3.09 18.95 11.47
N LEU A 140 -4.19 18.51 10.84
CA LEU A 140 -4.68 17.13 11.02
C LEU A 140 -4.71 16.46 9.65
N ILE A 141 -4.02 15.33 9.55
CA ILE A 141 -3.89 14.63 8.26
C ILE A 141 -4.35 13.20 8.48
N PRO A 142 -5.27 12.71 7.65
CA PRO A 142 -5.79 11.38 7.80
C PRO A 142 -4.74 10.36 7.32
N MET A 143 -4.67 9.21 8.02
CA MET A 143 -3.71 8.15 7.67
C MET A 143 -4.31 7.07 6.81
N ASN A 144 -5.61 7.14 6.58
CA ASN A 144 -6.21 6.07 5.80
C ASN A 144 -7.24 6.64 4.88
N ASP A 145 -7.12 6.39 3.58
CA ASP A 145 -8.01 7.12 2.64
C ASP A 145 -9.39 6.53 2.57
N HIS A 146 -9.65 5.49 3.36
CA HIS A 146 -10.99 5.00 3.58
C HIS A 146 -11.84 5.90 4.54
N ASN A 147 -11.17 6.85 5.17
CA ASN A 147 -11.85 7.81 6.07
C ASN A 147 -12.47 8.93 5.18
N ALA A 148 -13.78 8.83 4.94
CA ALA A 148 -14.44 9.62 3.87
C ALA A 148 -14.61 11.07 4.30
N TYR A 149 -14.17 11.97 3.44
CA TYR A 149 -14.17 13.42 3.77
C TYR A 149 -15.41 13.99 3.10
N ARG A 150 -16.57 13.43 3.46
CA ARG A 150 -17.85 13.85 2.88
C ARG A 150 -18.95 13.62 3.93
N CYS A 151 -20.18 13.96 3.61
CA CYS A 151 -21.30 13.94 4.60
C CYS A 151 -22.09 12.62 4.63
N PHE A 152 -22.79 12.38 5.75
CA PHE A 152 -23.54 11.15 6.00
C PHE A 152 -24.90 11.55 6.49
N SER A 153 -25.74 10.58 6.84
CA SER A 153 -27.12 10.96 7.14
C SER A 153 -27.15 11.60 8.55
N GLN A 154 -26.09 11.42 9.34
CA GLN A 154 -25.92 12.10 10.60
C GLN A 154 -24.59 12.86 10.51
N PRO A 155 -24.42 13.90 11.32
CA PRO A 155 -23.15 14.64 11.42
C PRO A 155 -21.98 13.68 11.63
N ARG A 156 -20.86 13.95 10.96
CA ARG A 156 -19.80 12.95 10.86
C ARG A 156 -18.56 13.46 11.54
N HIS A 157 -18.04 12.69 12.49
CA HIS A 157 -16.78 13.08 13.12
C HIS A 157 -15.73 12.23 12.43
N ILE A 158 -14.68 12.88 11.92
CA ILE A 158 -13.71 12.23 10.99
C ILE A 158 -12.38 11.93 11.66
N SER A 159 -11.85 12.88 12.43
CA SER A 159 -10.57 12.70 13.06
C SER A 159 -10.77 11.94 14.39
N VAL A 160 -11.12 10.66 14.32
CA VAL A 160 -11.53 9.93 15.52
C VAL A 160 -10.41 9.27 16.32
N ALA A 161 -9.25 9.06 15.72
CA ALA A 161 -8.20 8.27 16.38
C ALA A 161 -6.89 9.01 16.12
N MET A 162 -6.73 10.14 16.82
CA MET A 162 -5.60 11.01 16.62
C MET A 162 -4.41 10.46 17.40
N ASP A 163 -3.22 10.53 16.82
CA ASP A 163 -2.02 10.08 17.51
C ASP A 163 -1.82 10.78 18.83
N LYS A 164 -2.05 12.09 18.85
CA LYS A 164 -1.87 12.83 20.10
C LYS A 164 -2.89 12.48 21.22
N PHE A 165 -3.95 11.76 20.90
CA PHE A 165 -4.82 11.20 21.95
C PHE A 165 -4.69 9.65 22.01
N GLY A 166 -3.53 9.11 21.66
CA GLY A 166 -3.32 7.65 21.77
C GLY A 166 -4.10 6.86 20.74
N PHE A 167 -4.34 7.45 19.58
CA PHE A 167 -5.12 6.72 18.56
C PHE A 167 -6.52 6.28 19.04
N SER A 168 -7.19 7.10 19.88
CA SER A 168 -8.61 6.93 20.19
C SER A 168 -9.26 8.28 20.50
N LEU A 169 -10.53 8.26 20.87
CA LEU A 169 -11.21 9.53 21.16
C LEU A 169 -10.76 9.96 22.53
N PRO A 170 -10.53 11.26 22.75
CA PRO A 170 -10.19 11.66 24.11
C PRO A 170 -11.36 11.55 25.09
N TYR A 171 -12.58 11.73 24.58
CA TYR A 171 -13.82 11.40 25.31
C TYR A 171 -14.87 11.12 24.26
N VAL A 172 -15.94 10.41 24.61
CA VAL A 172 -16.79 9.87 23.53
C VAL A 172 -17.61 10.98 22.91
N GLN A 173 -17.75 12.12 23.60
CA GLN A 173 -18.48 13.25 22.96
C GLN A 173 -17.56 14.28 22.26
N TYR A 174 -16.30 13.90 22.09
CA TYR A 174 -15.36 14.74 21.38
C TYR A 174 -15.74 14.91 19.92
N PHE A 175 -15.80 16.17 19.47
CA PHE A 175 -16.22 16.41 18.09
C PHE A 175 -15.25 17.41 17.42
N GLY A 176 -14.06 17.59 17.98
CA GLY A 176 -13.08 18.52 17.41
C GLY A 176 -12.26 17.92 16.27
N GLY A 177 -11.43 18.77 15.64
CA GLY A 177 -10.41 18.30 14.73
C GLY A 177 -10.95 18.40 13.32
N VAL A 178 -11.59 17.33 12.87
CA VAL A 178 -12.13 17.28 11.54
C VAL A 178 -13.53 16.73 11.60
N SER A 179 -14.46 17.41 10.94
CA SER A 179 -15.83 16.90 10.93
C SER A 179 -16.53 17.27 9.62
N ALA A 180 -17.69 16.69 9.36
CA ALA A 180 -18.46 17.01 8.17
C ALA A 180 -19.95 17.12 8.52
N LEU A 181 -20.59 18.19 8.07
CA LEU A 181 -22.01 18.36 8.25
C LEU A 181 -22.60 18.64 6.87
N SER A 182 -23.71 18.00 6.52
CA SER A 182 -24.43 18.36 5.31
C SER A 182 -24.94 19.81 5.45
N LYS A 183 -25.30 20.43 4.33
CA LYS A 183 -25.84 21.79 4.39
C LYS A 183 -27.07 21.83 5.32
N GLN A 184 -27.91 20.81 5.22
CA GLN A 184 -29.13 20.77 6.06
C GLN A 184 -28.81 20.62 7.55
N GLN A 185 -27.85 19.76 7.90
CA GLN A 185 -27.42 19.63 9.30
C GLN A 185 -26.90 20.94 9.87
N PHE A 186 -26.01 21.60 9.12
CA PHE A 186 -25.41 22.84 9.63
C PHE A 186 -26.51 23.91 9.82
N LEU A 187 -27.39 24.03 8.83
CA LEU A 187 -28.50 24.99 8.94
C LEU A 187 -29.40 24.68 10.11
N THR A 188 -29.69 23.40 10.34
CA THR A 188 -30.53 22.99 11.45
C THR A 188 -30.01 23.43 12.80
N ILE A 189 -28.70 23.47 12.98
CA ILE A 189 -28.22 23.91 14.28
C ILE A 189 -27.88 25.44 14.31
N ASN A 190 -28.28 26.18 13.28
CA ASN A 190 -27.96 27.65 13.26
C ASN A 190 -26.46 27.84 13.19
N GLY A 191 -25.80 26.87 12.53
CA GLY A 191 -24.36 26.88 12.34
C GLY A 191 -23.65 26.82 13.65
N PHE A 192 -22.45 27.44 13.71
CA PHE A 192 -21.63 27.30 14.87
C PHE A 192 -21.70 28.57 15.72
N PRO A 193 -21.31 28.49 16.99
CA PRO A 193 -21.39 29.67 17.85
C PRO A 193 -20.35 30.71 17.37
N ASN A 194 -20.67 32.00 17.51
CA ASN A 194 -19.71 33.06 17.13
C ASN A 194 -18.90 33.61 18.30
N ASN A 195 -19.21 33.22 19.53
CA ASN A 195 -18.57 33.90 20.65
C ASN A 195 -17.62 33.09 21.49
N TYR A 196 -17.02 32.03 20.90
CA TYR A 196 -15.91 31.35 21.53
C TYR A 196 -14.56 31.91 21.06
N TRP A 197 -14.00 32.85 21.84
CA TRP A 197 -12.81 33.58 21.44
C TRP A 197 -11.68 32.91 22.21
N GLY A 198 -10.59 32.57 21.53
CA GLY A 198 -9.50 31.86 22.19
C GLY A 198 -9.84 30.36 22.23
N TRP A 199 -8.96 29.60 22.85
CA TRP A 199 -8.94 28.17 22.68
C TRP A 199 -10.01 27.51 23.53
N GLY A 200 -10.67 26.50 22.95
CA GLY A 200 -11.38 25.53 23.78
C GLY A 200 -12.89 25.70 23.76
N GLY A 201 -13.60 24.56 23.71
CA GLY A 201 -15.04 24.57 23.98
C GLY A 201 -15.96 24.66 22.78
N GLU A 202 -15.53 25.34 21.72
CA GLU A 202 -16.49 25.61 20.67
C GLU A 202 -16.92 24.30 20.00
N ASP A 203 -16.07 23.26 19.99
CA ASP A 203 -16.41 21.98 19.35
C ASP A 203 -17.40 21.22 20.21
N ASP A 204 -17.29 21.40 21.52
CA ASP A 204 -18.26 20.83 22.45
C ASP A 204 -19.60 21.52 22.31
N ASP A 205 -19.58 22.84 22.09
CA ASP A 205 -20.82 23.55 21.93
C ASP A 205 -21.48 23.00 20.69
N ILE A 206 -20.66 22.73 19.66
CA ILE A 206 -21.22 22.29 18.40
C ILE A 206 -21.83 20.89 18.59
N PHE A 207 -21.12 20.05 19.34
CA PHE A 207 -21.66 18.73 19.69
C PHE A 207 -23.01 18.89 20.37
N ASN A 208 -23.08 19.75 21.39
CA ASN A 208 -24.35 20.06 22.07
C ASN A 208 -25.48 20.42 21.11
N ARG A 209 -25.19 21.36 20.18
CA ARG A 209 -26.14 21.78 19.17
C ARG A 209 -26.72 20.59 18.42
N LEU A 210 -25.84 19.71 17.99
CA LEU A 210 -26.34 18.60 17.18
C LEU A 210 -27.30 17.72 18.00
N VAL A 211 -26.91 17.39 19.22
CA VAL A 211 -27.73 16.55 20.09
C VAL A 211 -29.07 17.26 20.39
N PHE A 212 -29.00 18.59 20.62
CA PHE A 212 -30.23 19.33 20.93
C PHE A 212 -31.10 19.39 19.73
N ARG A 213 -30.57 19.10 18.56
CA ARG A 213 -31.47 19.07 17.40
C ARG A 213 -31.74 17.64 16.93
N GLY A 214 -31.64 16.65 17.81
CA GLY A 214 -32.13 15.29 17.42
C GLY A 214 -31.12 14.42 16.68
N MET A 215 -29.85 14.84 16.63
CA MET A 215 -28.88 14.11 15.79
C MET A 215 -27.92 13.28 16.59
N SER A 216 -27.15 12.39 15.96
CA SER A 216 -26.15 11.67 16.76
C SER A 216 -24.86 11.61 15.91
N ILE A 217 -23.71 11.34 16.50
CA ILE A 217 -22.49 11.50 15.77
C ILE A 217 -22.25 10.17 15.03
N SER A 218 -21.98 10.22 13.74
CA SER A 218 -21.49 9.06 12.99
C SER A 218 -19.95 9.12 12.87
N ARG A 219 -19.28 7.96 12.92
CA ARG A 219 -17.81 7.92 12.89
C ARG A 219 -17.27 6.70 12.13
N PRO A 220 -16.12 6.80 11.46
CA PRO A 220 -15.49 5.55 10.97
C PRO A 220 -15.00 4.79 12.18
N ASN A 221 -14.56 3.53 12.01
CA ASN A 221 -13.86 2.83 13.09
C ASN A 221 -12.48 3.45 13.42
N ALA A 222 -11.92 3.06 14.54
CA ALA A 222 -10.67 3.64 15.01
C ALA A 222 -9.48 3.30 14.12
N VAL A 223 -9.57 2.28 13.28
CA VAL A 223 -8.42 2.04 12.40
C VAL A 223 -8.53 2.95 11.17
N VAL A 224 -9.66 2.95 10.49
CA VAL A 224 -9.83 3.83 9.35
C VAL A 224 -9.63 5.30 9.77
N GLY A 225 -9.96 5.64 11.02
CA GLY A 225 -10.08 7.05 11.49
C GLY A 225 -8.79 7.61 12.06
N THR A 226 -7.75 6.79 12.01
CA THR A 226 -6.45 7.13 12.46
C THR A 226 -5.99 8.44 11.77
N THR A 227 -5.46 9.36 12.56
CA THR A 227 -5.16 10.70 12.08
C THR A 227 -3.87 11.21 12.71
N ARG A 228 -3.05 11.91 11.94
CA ARG A 228 -1.85 12.54 12.51
C ARG A 228 -2.04 14.01 12.80
N HIS A 229 -1.53 14.45 13.93
CA HIS A 229 -1.48 15.85 14.23
C HIS A 229 -0.04 16.33 14.08
N ILE A 230 0.20 17.42 13.35
CA ILE A 230 1.53 18.04 13.30
C ILE A 230 1.87 18.71 14.64
N ARG A 231 2.88 18.20 15.35
CA ARG A 231 3.25 18.80 16.63
C ARG A 231 3.71 20.23 16.40
N HIS A 232 3.38 21.12 17.32
CA HIS A 232 3.72 22.54 17.18
C HIS A 232 3.56 23.11 18.57
N SER A 233 4.18 24.25 18.81
CA SER A 233 4.03 24.90 20.10
C SER A 233 2.81 25.81 20.04
N ARG A 234 2.52 26.48 21.15
CA ARG A 234 1.28 27.22 21.31
C ARG A 234 1.23 28.42 20.39
N ASP A 235 0.06 28.70 19.81
CA ASP A 235 -0.14 29.94 19.08
C ASP A 235 -0.39 31.06 20.07
N LYS A 236 0.26 32.18 19.85
CA LYS A 236 -0.10 33.38 20.58
C LYS A 236 -1.47 33.87 20.09
N LYS A 237 -2.20 34.54 20.96
CA LYS A 237 -3.51 35.10 20.65
C LYS A 237 -4.57 34.01 20.43
N ASN A 238 -4.33 32.82 20.98
CA ASN A 238 -5.38 31.82 21.10
C ASN A 238 -5.28 31.12 22.44
N GLU A 239 -5.14 31.91 23.51
CA GLU A 239 -5.07 31.38 24.87
C GLU A 239 -6.39 30.75 25.31
N PRO A 240 -6.32 29.76 26.22
CA PRO A 240 -7.55 29.11 26.69
C PRO A 240 -8.60 30.15 27.10
N ASN A 241 -9.81 29.98 26.61
CA ASN A 241 -10.93 30.82 26.96
C ASN A 241 -11.49 30.43 28.34
N PRO A 242 -11.31 31.29 29.35
CA PRO A 242 -11.80 30.93 30.69
C PRO A 242 -13.32 30.88 30.81
N GLN A 243 -14.07 31.51 29.89
CA GLN A 243 -15.53 31.43 29.93
C GLN A 243 -16.10 30.20 29.22
N ARG A 244 -15.22 29.32 28.75
CA ARG A 244 -15.65 28.19 27.90
C ARG A 244 -16.54 27.16 28.64
N PHE A 245 -16.25 26.87 29.90
CA PHE A 245 -17.01 25.87 30.65
C PHE A 245 -18.45 26.36 30.91
N ASP A 246 -18.60 27.67 31.14
CA ASP A 246 -19.90 28.31 31.33
CA ASP A 246 -19.92 28.25 31.32
C ASP A 246 -20.67 28.33 30.00
N ARG A 247 -19.96 28.69 28.92
CA ARG A 247 -20.64 28.75 27.64
C ARG A 247 -21.23 27.42 27.21
N ILE A 248 -20.50 26.32 27.39
CA ILE A 248 -20.96 25.05 26.82
C ILE A 248 -22.11 24.52 27.67
N ALA A 249 -22.26 25.01 28.90
CA ALA A 249 -23.39 24.64 29.75
C ALA A 249 -24.69 25.31 29.29
N HIS A 250 -24.63 26.31 28.40
CA HIS A 250 -25.89 26.99 28.01
C HIS A 250 -26.21 26.93 26.54
N THR A 251 -25.57 26.03 25.79
CA THR A 251 -25.78 26.01 24.32
C THR A 251 -27.22 25.95 23.90
N LYS A 252 -28.01 25.17 24.61
CA LYS A 252 -29.39 24.97 24.22
C LYS A 252 -30.12 26.29 24.09
N GLU A 253 -29.93 27.17 25.05
CA GLU A 253 -30.56 28.48 24.95
C GLU A 253 -29.76 29.37 23.97
N THR A 254 -28.44 29.39 24.04
CA THR A 254 -27.70 30.36 23.23
C THR A 254 -27.72 30.09 21.73
N MET A 255 -27.88 28.81 21.38
CA MET A 255 -27.78 28.45 19.95
C MET A 255 -28.93 29.05 19.19
N LEU A 256 -29.99 29.39 19.90
CA LEU A 256 -31.19 29.90 19.21
C LEU A 256 -30.88 31.25 18.55
N SER A 257 -30.02 32.04 19.15
CA SER A 257 -29.78 33.33 18.49
C SER A 257 -28.32 33.70 18.33
N ASP A 258 -27.41 32.74 18.53
CA ASP A 258 -26.02 32.94 18.25
C ASP A 258 -25.54 31.92 17.22
N GLY A 259 -25.15 32.42 16.06
CA GLY A 259 -24.67 31.55 14.99
C GLY A 259 -24.88 32.20 13.67
N LEU A 260 -25.29 31.39 12.71
CA LEU A 260 -25.58 31.88 11.36
C LEU A 260 -26.52 33.10 11.41
N ASN A 261 -27.58 33.03 12.21
CA ASN A 261 -28.53 34.13 12.27
C ASN A 261 -28.04 35.33 13.09
N SER A 262 -26.80 35.35 13.59
CA SER A 262 -26.29 36.57 14.21
C SER A 262 -24.92 36.94 13.63
N LEU A 263 -24.56 36.40 12.47
CA LEU A 263 -23.18 36.48 11.95
C LEU A 263 -23.02 37.77 11.12
N THR A 264 -21.97 38.55 11.34
CA THR A 264 -21.49 39.47 10.27
C THR A 264 -19.97 39.40 10.26
N TYR A 265 -19.39 39.83 9.14
CA TYR A 265 -17.94 39.87 8.97
C TYR A 265 -17.66 40.72 7.74
N GLN A 266 -16.39 41.07 7.52
CA GLN A 266 -16.05 41.83 6.31
C GLN A 266 -14.90 41.10 5.62
N VAL A 267 -15.13 40.56 4.43
CA VAL A 267 -14.07 39.96 3.65
C VAL A 267 -13.16 41.08 3.17
N LEU A 268 -11.86 40.95 3.45
CA LEU A 268 -10.83 41.93 3.03
C LEU A 268 -10.25 41.50 1.68
N ASP A 269 -10.12 40.20 1.46
CA ASP A 269 -9.46 39.72 0.27
C ASP A 269 -9.84 38.27 -0.06
N VAL A 270 -10.03 37.94 -1.33
CA VAL A 270 -10.14 36.55 -1.78
C VAL A 270 -9.02 36.28 -2.82
N GLN A 271 -8.14 35.31 -2.55
CA GLN A 271 -7.08 34.90 -3.50
CA GLN A 271 -7.07 34.91 -3.49
C GLN A 271 -7.36 33.51 -3.99
N ARG A 272 -7.44 33.32 -5.32
CA ARG A 272 -7.52 31.97 -5.86
C ARG A 272 -6.12 31.48 -6.12
N TYR A 273 -5.59 30.61 -5.28
CA TYR A 273 -4.33 30.00 -5.59
C TYR A 273 -4.59 28.70 -6.34
N PRO A 274 -3.54 28.12 -6.96
CA PRO A 274 -3.80 26.87 -7.69
C PRO A 274 -4.46 25.75 -6.82
N LEU A 275 -4.06 25.64 -5.57
CA LEU A 275 -4.52 24.51 -4.76
C LEU A 275 -5.57 24.89 -3.65
N TYR A 276 -5.90 26.17 -3.56
CA TYR A 276 -6.91 26.64 -2.58
C TYR A 276 -7.36 28.07 -2.87
N THR A 277 -8.58 28.36 -2.44
CA THR A 277 -9.07 29.72 -2.32
C THR A 277 -8.80 30.19 -0.90
N GLN A 278 -8.18 31.36 -0.75
CA GLN A 278 -7.97 31.88 0.59
C GLN A 278 -8.80 33.16 0.79
N ILE A 279 -9.65 33.14 1.82
CA ILE A 279 -10.53 34.23 2.09
C ILE A 279 -9.98 34.92 3.32
N THR A 280 -9.50 36.15 3.17
CA THR A 280 -8.99 36.90 4.30
C THR A 280 -10.13 37.76 4.87
N VAL A 281 -10.39 37.66 6.18
CA VAL A 281 -11.67 38.19 6.69
C VAL A 281 -11.47 38.85 8.04
N ASP A 282 -12.15 39.99 8.24
CA ASP A 282 -12.11 40.68 9.50
C ASP A 282 -13.36 40.21 10.25
N ILE A 283 -13.15 39.42 11.31
CA ILE A 283 -14.29 38.91 12.13
C ILE A 283 -14.39 39.65 13.47
N GLY A 284 -13.60 40.71 13.64
CA GLY A 284 -13.80 41.58 14.80
C GLY A 284 -13.19 41.00 16.04
N THR A 285 -13.62 41.54 17.18
CA THR A 285 -13.20 41.19 18.50
C THR A 285 -14.49 41.06 19.32
N PRO A 286 -14.38 40.57 20.58
CA PRO A 286 -15.58 40.26 21.36
C PRO A 286 -16.50 41.46 21.51
N SER A 287 -17.80 41.22 21.41
CA SER A 287 -18.78 42.25 21.69
C SER A 287 -19.61 41.95 22.94
N SER B 15 -1.34 9.35 32.76
CA SER B 15 -0.46 9.82 31.66
C SER B 15 -0.74 8.90 30.49
N LEU B 16 0.30 8.42 29.79
CA LEU B 16 0.11 7.78 28.47
C LEU B 16 -0.86 6.59 28.48
N PRO B 17 -1.82 6.53 27.54
CA PRO B 17 -2.66 5.32 27.49
C PRO B 17 -1.90 4.12 26.92
N ALA B 18 -2.44 2.92 27.10
CA ALA B 18 -1.96 1.74 26.38
C ALA B 18 -2.18 1.85 24.86
N CYS B 19 -1.22 1.35 24.06
CA CYS B 19 -1.42 1.31 22.62
C CYS B 19 -2.64 0.42 22.35
N PRO B 20 -3.32 0.62 21.22
CA PRO B 20 -4.38 -0.29 20.85
C PRO B 20 -3.76 -1.69 20.82
N GLU B 21 -4.56 -2.72 21.07
CA GLU B 21 -4.05 -4.07 21.09
C GLU B 21 -3.42 -4.51 19.82
N GLU B 22 -4.01 -4.13 18.68
CA GLU B 22 -3.31 -4.35 17.44
C GLU B 22 -3.03 -2.96 16.89
N SER B 23 -1.86 -2.77 16.29
CA SER B 23 -1.50 -1.47 15.77
C SER B 23 -2.43 -1.05 14.66
N PRO B 24 -2.87 0.22 14.70
CA PRO B 24 -3.69 0.71 13.59
C PRO B 24 -2.84 1.28 12.45
N LEU B 25 -1.51 1.21 12.53
CA LEU B 25 -0.64 1.85 11.54
C LEU B 25 -0.20 0.90 10.43
N LEU B 26 -0.56 -0.37 10.55
CA LEU B 26 0.02 -1.43 9.70
C LEU B 26 -0.45 -1.32 8.26
N VAL B 27 0.43 -1.62 7.30
CA VAL B 27 0.07 -1.54 5.88
C VAL B 27 -0.05 -2.90 5.19
N GLY B 28 0.28 -3.98 5.87
CA GLY B 28 0.17 -5.31 5.23
C GLY B 28 1.36 -5.60 4.32
N PRO B 29 1.10 -6.11 3.09
CA PRO B 29 2.23 -6.57 2.27
C PRO B 29 3.08 -5.43 1.75
N MET B 30 4.38 -5.66 1.62
CA MET B 30 5.29 -4.59 1.29
C MET B 30 6.17 -5.08 0.17
N LEU B 31 6.77 -4.15 -0.53
CA LEU B 31 7.68 -4.49 -1.60
C LEU B 31 9.12 -4.63 -1.08
N ILE B 32 9.77 -5.79 -1.27
CA ILE B 32 11.07 -6.02 -0.64
C ILE B 32 12.05 -6.31 -1.75
N GLU B 33 13.15 -5.55 -1.83
CA GLU B 33 14.15 -5.70 -2.87
CA GLU B 33 14.15 -5.75 -2.87
C GLU B 33 15.57 -5.56 -2.31
N PHE B 34 16.51 -6.35 -2.81
CA PHE B 34 17.92 -6.37 -2.34
C PHE B 34 19.00 -5.99 -3.41
N ASN B 35 18.62 -5.16 -4.38
CA ASN B 35 19.59 -4.83 -5.43
C ASN B 35 20.11 -3.40 -5.45
N MET B 36 19.86 -2.62 -4.41
CA MET B 36 20.31 -1.23 -4.40
C MET B 36 21.24 -1.07 -3.21
N PRO B 37 22.10 -0.07 -3.25
CA PRO B 37 22.99 0.08 -2.07
C PRO B 37 22.20 0.70 -0.94
N VAL B 38 22.63 0.53 0.30
CA VAL B 38 21.91 1.11 1.43
C VAL B 38 22.91 1.93 2.15
N ASP B 39 22.48 3.11 2.58
CA ASP B 39 23.35 3.99 3.30
C ASP B 39 22.69 4.17 4.67
N LEU B 40 23.32 3.68 5.74
CA LEU B 40 22.73 3.75 7.08
C LEU B 40 22.59 5.15 7.69
N GLU B 41 23.40 6.11 7.25
CA GLU B 41 23.13 7.50 7.67
C GLU B 41 21.80 8.01 7.13
N LEU B 42 21.46 7.64 5.89
CA LEU B 42 20.14 7.91 5.31
C LEU B 42 19.01 7.09 6.00
N VAL B 43 19.31 5.82 6.27
CA VAL B 43 18.32 5.04 7.01
C VAL B 43 17.99 5.76 8.30
N ALA B 44 19.01 6.25 8.98
CA ALA B 44 18.76 6.84 10.28
C ALA B 44 17.91 8.12 10.10
N LYS B 45 18.18 8.87 9.03
CA LYS B 45 17.38 10.08 8.80
C LYS B 45 15.95 9.71 8.44
N GLN B 46 15.75 8.58 7.80
CA GLN B 46 14.41 8.12 7.50
C GLN B 46 13.70 7.61 8.76
N ASN B 47 14.46 7.35 9.81
CA ASN B 47 13.89 6.85 11.05
C ASN B 47 14.33 7.71 12.21
N PRO B 48 13.91 9.00 12.19
CA PRO B 48 14.44 9.94 13.19
C PRO B 48 14.07 9.61 14.65
N ASN B 49 13.00 8.82 14.87
CA ASN B 49 12.55 8.47 16.24
C ASN B 49 13.31 7.32 16.86
N VAL B 50 14.13 6.65 16.08
CA VAL B 50 14.96 5.61 16.68
C VAL B 50 16.15 6.26 17.38
N LYS B 51 16.37 5.89 18.64
CA LYS B 51 17.40 6.47 19.44
C LYS B 51 18.65 5.63 19.43
N MET B 52 19.73 6.18 20.01
CA MET B 52 21.08 5.58 19.93
C MET B 52 21.06 4.17 20.51
N GLY B 53 21.78 3.25 19.86
CA GLY B 53 21.72 1.85 20.22
C GLY B 53 20.58 1.13 19.51
N GLY B 54 19.82 1.85 18.67
CA GLY B 54 18.71 1.25 17.93
C GLY B 54 17.49 0.93 18.84
N ARG B 55 17.11 1.92 19.67
CA ARG B 55 16.06 1.77 20.68
C ARG B 55 14.89 2.65 20.26
N TYR B 56 13.68 2.15 20.47
CA TYR B 56 12.50 2.93 20.10
C TYR B 56 11.32 2.49 20.96
N ALA B 57 10.47 3.45 21.36
CA ALA B 57 9.14 3.11 21.89
C ALA B 57 8.19 4.24 21.49
N PRO B 58 6.90 3.92 21.29
CA PRO B 58 5.97 4.95 20.81
C PRO B 58 5.90 6.16 21.77
N ARG B 59 5.85 7.33 21.17
CA ARG B 59 5.65 8.59 21.89
C ARG B 59 4.19 8.75 22.41
N ASP B 60 3.21 8.25 21.68
CA ASP B 60 1.81 8.53 22.04
C ASP B 60 1.08 7.50 22.88
N CYS B 61 1.69 6.34 23.13
CA CYS B 61 1.06 5.29 23.93
C CYS B 61 2.06 4.28 24.47
N VAL B 62 1.62 3.49 25.45
CA VAL B 62 2.51 2.54 26.12
C VAL B 62 2.37 1.16 25.48
N SER B 63 3.48 0.59 25.00
CA SER B 63 3.45 -0.78 24.45
C SER B 63 3.63 -1.85 25.56
N PRO B 64 2.82 -2.92 25.52
CA PRO B 64 3.08 -4.05 26.43
C PRO B 64 4.18 -4.98 25.87
N HIS B 65 4.64 -4.73 24.65
CA HIS B 65 5.71 -5.55 24.08
C HIS B 65 7.06 -4.87 24.25
N LYS B 66 7.84 -5.38 25.20
CA LYS B 66 9.20 -4.94 25.44
C LYS B 66 10.18 -5.96 24.85
N VAL B 67 10.60 -5.63 23.62
CA VAL B 67 11.18 -6.65 22.77
C VAL B 67 12.67 -6.44 22.54
N ALA B 68 13.51 -7.42 22.83
CA ALA B 68 14.91 -7.36 22.36
C ALA B 68 15.02 -8.19 21.07
N ILE B 69 15.45 -7.53 19.99
CA ILE B 69 15.70 -8.28 18.76
C ILE B 69 17.16 -8.64 18.59
N ILE B 70 17.44 -9.94 18.52
CA ILE B 70 18.80 -10.45 18.67
C ILE B 70 19.22 -11.06 17.35
N ILE B 71 20.36 -10.63 16.78
CA ILE B 71 20.77 -11.10 15.49
C ILE B 71 22.16 -11.72 15.60
N PRO B 72 22.30 -13.01 15.28
CA PRO B 72 23.63 -13.63 15.39
C PRO B 72 24.42 -13.17 14.19
N PHE B 73 25.74 -12.95 14.39
CA PHE B 73 26.45 -12.19 13.31
C PHE B 73 27.93 -12.42 13.17
N ARG B 74 28.40 -12.50 11.93
CA ARG B 74 29.81 -12.28 11.63
C ARG B 74 29.95 -12.04 10.14
N ASN B 75 30.62 -10.92 9.78
CA ASN B 75 30.96 -10.70 8.35
C ASN B 75 29.72 -10.66 7.46
N ARG B 76 28.63 -10.01 7.91
CA ARG B 76 27.46 -9.94 7.07
C ARG B 76 26.94 -8.47 7.06
N GLN B 77 27.88 -7.53 6.98
CA GLN B 77 27.53 -6.12 7.12
C GLN B 77 26.52 -5.71 6.06
N GLU B 78 26.71 -6.18 4.82
CA GLU B 78 25.79 -5.75 3.78
C GLU B 78 24.35 -6.25 4.02
N HIS B 79 24.22 -7.48 4.53
CA HIS B 79 22.90 -7.98 4.91
C HIS B 79 22.33 -7.16 6.04
N LEU B 80 23.14 -6.81 7.02
CA LEU B 80 22.59 -6.12 8.14
C LEU B 80 22.03 -4.76 7.68
N LYS B 81 22.64 -4.15 6.66
CA LYS B 81 22.19 -2.81 6.28
C LYS B 81 20.78 -2.97 5.68
N TYR B 82 20.57 -4.03 4.90
CA TYR B 82 19.22 -4.27 4.37
C TYR B 82 18.27 -4.57 5.54
N TRP B 83 18.76 -5.38 6.49
CA TRP B 83 17.86 -5.76 7.60
C TRP B 83 17.36 -4.48 8.36
N LEU B 84 18.28 -3.59 8.68
CA LEU B 84 17.94 -2.36 9.39
C LEU B 84 16.99 -1.42 8.59
N TYR B 85 17.28 -1.26 7.30
CA TYR B 85 16.46 -0.54 6.31
C TYR B 85 15.01 -0.99 6.26
N TYR B 86 14.81 -2.31 6.16
CA TYR B 86 13.47 -2.84 6.17
C TYR B 86 12.78 -2.92 7.53
N LEU B 87 13.47 -3.44 8.55
CA LEU B 87 12.83 -3.74 9.81
C LEU B 87 12.55 -2.50 10.65
N HIS B 88 13.44 -1.51 10.68
CA HIS B 88 13.13 -0.42 11.57
C HIS B 88 11.75 0.20 11.28
N PRO B 89 11.43 0.44 9.99
CA PRO B 89 10.08 1.05 9.86
C PRO B 89 8.94 0.15 10.29
N VAL B 90 9.12 -1.15 10.10
CA VAL B 90 8.09 -2.14 10.44
C VAL B 90 7.94 -2.21 11.94
N LEU B 91 9.06 -2.29 12.64
CA LEU B 91 8.95 -2.46 14.10
C LEU B 91 8.28 -1.24 14.73
N GLN B 92 8.55 -0.07 14.16
CA GLN B 92 7.86 1.13 14.66
C GLN B 92 6.35 1.12 14.37
N ARG B 93 5.96 0.74 13.14
CA ARG B 93 4.54 0.55 12.80
C ARG B 93 3.82 -0.43 13.72
N GLN B 94 4.54 -1.45 14.18
CA GLN B 94 3.99 -2.43 15.10
C GLN B 94 3.89 -1.88 16.51
N GLN B 95 4.30 -0.64 16.72
CA GLN B 95 4.20 -0.01 18.07
C GLN B 95 4.86 -0.78 19.21
N LEU B 96 6.07 -1.30 18.98
CA LEU B 96 6.83 -2.07 19.96
C LEU B 96 7.81 -1.16 20.72
N ASP B 97 8.10 -1.51 21.96
CA ASP B 97 9.15 -0.89 22.75
C ASP B 97 10.33 -1.85 22.57
N TYR B 98 11.22 -1.49 21.64
CA TYR B 98 12.19 -2.48 21.18
C TYR B 98 13.63 -1.96 21.15
N GLY B 99 14.56 -2.92 21.13
CA GLY B 99 15.97 -2.63 20.84
C GLY B 99 16.61 -3.66 19.96
N ILE B 100 17.56 -3.22 19.15
CA ILE B 100 18.30 -4.10 18.24
C ILE B 100 19.70 -4.43 18.77
N TYR B 101 20.00 -5.73 18.83
CA TYR B 101 21.31 -6.27 19.26
C TYR B 101 21.89 -7.19 18.20
N VAL B 102 23.04 -6.79 17.69
CA VAL B 102 23.83 -7.62 16.81
C VAL B 102 24.92 -8.27 17.64
N ILE B 103 24.93 -9.60 17.63
CA ILE B 103 25.87 -10.33 18.47
C ILE B 103 26.90 -10.85 17.49
N ASN B 104 28.05 -10.16 17.46
CA ASN B 104 29.09 -10.35 16.48
C ASN B 104 30.10 -11.31 17.06
N GLN B 105 30.27 -12.45 16.40
CA GLN B 105 31.24 -13.43 16.88
C GLN B 105 32.68 -12.98 16.54
N ALA B 106 33.50 -12.83 17.57
CA ALA B 106 34.92 -12.47 17.41
C ALA B 106 35.70 -13.62 16.78
N GLY B 107 36.77 -13.28 16.04
CA GLY B 107 37.73 -14.31 15.58
C GLY B 107 37.29 -15.02 14.32
N ASP B 108 38.02 -16.07 13.96
CA ASP B 108 37.91 -16.70 12.66
C ASP B 108 37.73 -18.24 12.79
N THR B 109 37.27 -18.69 13.95
CA THR B 109 36.95 -20.12 14.01
C THR B 109 35.46 -20.40 13.75
N ILE B 110 35.07 -21.68 13.83
CA ILE B 110 33.72 -22.08 13.46
C ILE B 110 32.63 -21.30 14.22
N PHE B 111 31.65 -20.87 13.44
CA PHE B 111 30.45 -20.11 13.91
C PHE B 111 29.56 -20.95 14.82
N ASN B 112 28.92 -20.29 15.75
CA ASN B 112 27.99 -20.94 16.63
C ASN B 112 26.78 -20.07 16.77
N ARG B 113 25.84 -20.20 15.84
CA ARG B 113 24.61 -19.42 15.88
C ARG B 113 23.88 -19.36 17.22
N ALA B 114 23.60 -20.53 17.81
CA ALA B 114 22.73 -20.62 18.99
C ALA B 114 23.42 -19.99 20.21
N LYS B 115 24.74 -20.16 20.31
CA LYS B 115 25.42 -19.57 21.49
C LYS B 115 25.44 -18.02 21.39
N LEU B 116 25.58 -17.50 20.18
CA LEU B 116 25.46 -16.05 20.01
C LEU B 116 24.06 -15.59 20.44
N LEU B 117 23.02 -16.37 20.13
CA LEU B 117 21.67 -15.95 20.58
C LEU B 117 21.56 -15.94 22.12
N ASN B 118 22.16 -16.93 22.79
CA ASN B 118 22.17 -16.91 24.26
C ASN B 118 22.89 -15.67 24.83
N VAL B 119 24.03 -15.36 24.24
CA VAL B 119 24.71 -14.11 24.63
C VAL B 119 23.75 -12.90 24.50
N GLY B 120 23.05 -12.78 23.37
CA GLY B 120 22.12 -11.66 23.14
C GLY B 120 21.07 -11.60 24.23
N PHE B 121 20.50 -12.75 24.61
CA PHE B 121 19.50 -12.73 25.66
C PHE B 121 20.11 -12.16 26.97
N GLN B 122 21.22 -12.76 27.40
CA GLN B 122 21.81 -12.38 28.70
C GLN B 122 22.29 -10.90 28.68
N GLU B 123 22.91 -10.49 27.57
CA GLU B 123 23.42 -9.12 27.45
C GLU B 123 22.32 -8.06 27.29
N ALA B 124 21.27 -8.33 26.50
CA ALA B 124 20.22 -7.32 26.32
C ALA B 124 19.56 -7.04 27.64
N LEU B 125 19.39 -8.08 28.45
CA LEU B 125 18.73 -7.87 29.73
C LEU B 125 19.52 -6.90 30.64
N LYS B 126 20.81 -6.66 30.38
CA LYS B 126 21.58 -5.68 31.24
C LYS B 126 21.22 -4.25 30.86
N ASP B 127 20.65 -4.04 29.68
CA ASP B 127 20.23 -2.68 29.28
C ASP B 127 18.86 -2.33 29.81
N TYR B 128 17.94 -3.27 29.79
CA TYR B 128 16.54 -2.91 29.99
C TYR B 128 15.75 -4.14 30.38
N ASP B 129 14.57 -3.94 30.97
CA ASP B 129 13.81 -5.09 31.44
CA ASP B 129 13.72 -5.03 31.45
C ASP B 129 12.94 -5.64 30.28
N TYR B 130 13.62 -6.14 29.26
CA TYR B 130 12.91 -6.79 28.17
C TYR B 130 12.12 -8.03 28.64
N THR B 131 10.93 -8.26 28.10
CA THR B 131 10.20 -9.50 28.47
C THR B 131 9.92 -10.40 27.26
N CYS B 132 10.47 -10.02 26.10
CA CYS B 132 10.21 -10.75 24.88
C CYS B 132 11.48 -10.66 24.03
N PHE B 133 11.84 -11.79 23.41
CA PHE B 133 13.08 -11.90 22.65
C PHE B 133 12.76 -12.44 21.27
N VAL B 134 13.04 -11.63 20.27
CA VAL B 134 12.98 -12.12 18.90
C VAL B 134 14.41 -12.49 18.44
N PHE B 135 14.60 -13.70 17.94
CA PHE B 135 15.89 -14.12 17.40
C PHE B 135 15.74 -14.17 15.90
N SER B 136 16.47 -13.32 15.19
CA SER B 136 16.30 -13.21 13.76
C SER B 136 17.63 -13.39 13.06
N ASP B 137 17.69 -14.32 12.11
CA ASP B 137 18.84 -14.32 11.23
C ASP B 137 18.94 -12.95 10.55
N VAL B 138 20.13 -12.57 10.10
CA VAL B 138 20.32 -11.22 9.57
C VAL B 138 19.85 -11.12 8.14
N ASP B 139 19.62 -12.26 7.52
CA ASP B 139 19.26 -12.26 6.12
C ASP B 139 17.79 -12.59 5.81
N LEU B 140 16.94 -12.38 6.80
CA LEU B 140 15.52 -12.66 6.59
C LEU B 140 14.69 -11.40 6.85
N ILE B 141 13.84 -11.06 5.89
CA ILE B 141 13.08 -9.83 5.96
C ILE B 141 11.60 -10.17 5.75
N PRO B 142 10.72 -9.76 6.67
CA PRO B 142 9.29 -10.08 6.54
C PRO B 142 8.66 -9.23 5.43
N MET B 143 7.77 -9.83 4.65
CA MET B 143 7.11 -9.11 3.56
C MET B 143 5.81 -8.50 3.97
N ASN B 144 5.32 -8.82 5.17
CA ASN B 144 3.99 -8.30 5.55
C ASN B 144 4.04 -7.85 7.00
N ASP B 145 3.76 -6.59 7.25
CA ASP B 145 3.94 -6.05 8.62
C ASP B 145 2.85 -6.49 9.60
N HIS B 146 1.88 -7.29 9.17
N HIS B 146 1.88 -7.29 9.14
CA HIS B 146 0.99 -7.94 10.13
CA HIS B 146 0.97 -8.02 10.02
C HIS B 146 1.64 -9.17 10.78
C HIS B 146 1.64 -9.17 10.78
N ASN B 147 2.88 -9.47 10.38
CA ASN B 147 3.61 -10.59 10.98
C ASN B 147 4.29 -10.02 12.23
N ALA B 148 3.72 -10.26 13.39
CA ALA B 148 4.13 -9.48 14.56
C ALA B 148 5.49 -9.93 15.14
N TYR B 149 6.40 -8.99 15.38
CA TYR B 149 7.75 -9.28 15.87
C TYR B 149 7.69 -9.13 17.39
N ARG B 150 6.86 -9.98 18.02
CA ARG B 150 6.75 -10.01 19.48
C ARG B 150 6.22 -11.38 19.95
N CYS B 151 5.97 -11.50 21.24
CA CYS B 151 5.79 -12.81 21.87
C CYS B 151 4.32 -13.10 22.04
N PHE B 152 4.01 -14.40 22.12
CA PHE B 152 2.65 -14.93 22.22
C PHE B 152 2.58 -15.89 23.38
N SER B 153 1.39 -16.42 23.67
CA SER B 153 1.31 -17.21 24.91
C SER B 153 2.06 -18.54 24.69
N GLN B 154 2.33 -18.90 23.44
CA GLN B 154 3.21 -20.05 23.15
C GLN B 154 4.38 -19.50 22.33
N PRO B 155 5.51 -20.21 22.27
CA PRO B 155 6.66 -19.80 21.47
C PRO B 155 6.23 -19.57 20.03
N ARG B 156 6.74 -18.49 19.41
CA ARG B 156 6.21 -18.03 18.11
C ARG B 156 7.23 -18.29 17.03
N HIS B 157 6.85 -19.01 15.96
CA HIS B 157 7.74 -19.12 14.83
C HIS B 157 7.33 -18.06 13.82
N ILE B 158 8.25 -17.19 13.40
CA ILE B 158 7.87 -15.97 12.63
C ILE B 158 8.10 -16.11 11.13
N SER B 159 9.20 -16.73 10.70
CA SER B 159 9.54 -16.75 9.26
C SER B 159 8.96 -18.05 8.67
N VAL B 160 7.64 -18.08 8.53
CA VAL B 160 6.92 -19.31 8.26
C VAL B 160 6.83 -19.61 6.77
N ALA B 161 6.91 -18.61 5.90
CA ALA B 161 6.78 -18.86 4.48
C ALA B 161 7.89 -18.12 3.76
N MET B 162 9.09 -18.68 3.79
CA MET B 162 10.25 -18.09 3.19
C MET B 162 10.30 -18.40 1.70
N ASP B 163 10.64 -17.40 0.91
CA ASP B 163 10.81 -17.61 -0.54
C ASP B 163 11.72 -18.79 -0.80
N LYS B 164 12.81 -18.92 -0.04
CA LYS B 164 13.74 -19.98 -0.43
C LYS B 164 13.25 -21.38 -0.07
N PHE B 165 12.12 -21.46 0.63
CA PHE B 165 11.47 -22.73 0.81
C PHE B 165 10.14 -22.85 0.05
N GLY B 166 10.02 -22.09 -1.04
CA GLY B 166 8.81 -22.19 -1.84
C GLY B 166 7.64 -21.53 -1.15
N PHE B 167 7.92 -20.54 -0.30
CA PHE B 167 6.83 -19.91 0.46
C PHE B 167 6.02 -20.86 1.34
N SER B 168 6.67 -21.88 1.93
CA SER B 168 6.06 -22.62 3.02
C SER B 168 7.10 -23.12 4.00
N LEU B 169 6.67 -23.93 4.95
CA LEU B 169 7.60 -24.57 5.84
C LEU B 169 8.40 -25.65 5.11
N PRO B 170 9.72 -25.70 5.34
CA PRO B 170 10.31 -26.89 4.76
C PRO B 170 9.95 -28.18 5.46
N TYR B 171 9.57 -28.16 6.74
CA TYR B 171 8.95 -29.36 7.36
C TYR B 171 8.20 -28.77 8.52
N VAL B 172 7.20 -29.48 9.07
CA VAL B 172 6.29 -28.80 10.01
C VAL B 172 6.90 -28.51 11.37
N GLN B 173 8.02 -29.16 11.70
CA GLN B 173 8.72 -28.88 12.97
C GLN B 173 9.85 -27.85 12.83
N TYR B 174 9.94 -27.25 11.67
CA TYR B 174 10.98 -26.25 11.36
C TYR B 174 10.82 -25.04 12.25
N PHE B 175 11.88 -24.66 12.96
CA PHE B 175 11.77 -23.51 13.85
C PHE B 175 12.94 -22.57 13.61
N GLY B 176 13.49 -22.57 12.41
CA GLY B 176 14.68 -21.74 12.14
C GLY B 176 14.27 -20.37 11.62
N GLY B 177 15.25 -19.50 11.38
CA GLY B 177 15.06 -18.22 10.65
C GLY B 177 14.75 -17.14 11.68
N VAL B 178 13.46 -16.95 11.95
CA VAL B 178 13.04 -15.89 12.85
C VAL B 178 12.04 -16.44 13.83
N SER B 179 12.26 -16.20 15.12
CA SER B 179 11.32 -16.74 16.09
C SER B 179 11.27 -15.80 17.30
N ALA B 180 10.23 -15.89 18.15
CA ALA B 180 10.15 -15.07 19.35
C ALA B 180 9.79 -15.89 20.60
N LEU B 181 10.52 -15.71 21.71
CA LEU B 181 10.12 -16.39 22.92
C LEU B 181 10.05 -15.33 24.02
N SER B 182 9.03 -15.42 24.89
CA SER B 182 8.92 -14.55 26.04
C SER B 182 10.10 -14.91 26.95
N LYS B 183 10.43 -14.00 27.86
CA LYS B 183 11.49 -14.30 28.82
C LYS B 183 11.16 -15.63 29.52
N GLN B 184 9.90 -15.87 29.91
CA GLN B 184 9.60 -17.12 30.65
C GLN B 184 9.78 -18.38 29.80
N GLN B 185 9.32 -18.31 28.54
CA GLN B 185 9.57 -19.41 27.62
C GLN B 185 11.04 -19.76 27.50
N PHE B 186 11.91 -18.76 27.38
CA PHE B 186 13.33 -19.00 27.14
C PHE B 186 13.92 -19.60 28.42
N LEU B 187 13.58 -19.03 29.57
CA LEU B 187 14.14 -19.52 30.83
C LEU B 187 13.70 -20.98 31.11
N THR B 188 12.47 -21.30 30.72
CA THR B 188 11.92 -22.64 30.97
C THR B 188 12.66 -23.75 30.24
N ILE B 189 13.24 -23.44 29.08
CA ILE B 189 14.02 -24.46 28.36
C ILE B 189 15.50 -24.33 28.65
N ASN B 190 15.88 -23.56 29.68
CA ASN B 190 17.29 -23.33 29.94
C ASN B 190 17.97 -22.71 28.70
N GLY B 191 17.29 -21.79 28.01
CA GLY B 191 17.85 -21.12 26.80
C GLY B 191 18.23 -22.16 25.76
N PHE B 192 19.26 -21.86 24.98
CA PHE B 192 19.54 -22.58 23.76
C PHE B 192 20.83 -23.37 24.02
N PRO B 193 21.06 -24.42 23.22
CA PRO B 193 22.26 -25.19 23.44
C PRO B 193 23.53 -24.37 23.04
N ASN B 194 24.65 -24.68 23.66
CA ASN B 194 25.96 -24.04 23.42
C ASN B 194 26.91 -24.83 22.54
N ASN B 195 26.57 -26.10 22.25
CA ASN B 195 27.55 -26.94 21.60
C ASN B 195 27.18 -27.36 20.21
N TYR B 196 26.36 -26.56 19.56
CA TYR B 196 26.20 -26.73 18.11
C TYR B 196 27.16 -25.85 17.31
N TRP B 197 28.24 -26.43 16.81
CA TRP B 197 29.26 -25.63 16.12
C TRP B 197 29.11 -25.89 14.64
N GLY B 198 29.14 -24.85 13.80
CA GLY B 198 28.90 -25.06 12.38
C GLY B 198 27.40 -25.18 12.07
N TRP B 199 27.05 -25.47 10.81
CA TRP B 199 25.69 -25.18 10.34
C TRP B 199 24.82 -26.40 10.70
N GLY B 200 23.58 -26.15 11.12
CA GLY B 200 22.54 -27.22 11.16
C GLY B 200 22.18 -27.75 12.54
N GLY B 201 20.87 -27.87 12.76
CA GLY B 201 20.26 -28.61 13.87
C GLY B 201 20.03 -27.86 15.17
N GLU B 202 20.71 -26.72 15.37
CA GLU B 202 20.54 -26.04 16.66
C GLU B 202 19.09 -25.59 16.78
N ASP B 203 18.48 -25.23 15.65
CA ASP B 203 17.11 -24.74 15.70
C ASP B 203 16.13 -25.93 15.97
N ASP B 204 16.48 -27.13 15.47
CA ASP B 204 15.68 -28.33 15.79
C ASP B 204 15.82 -28.68 17.28
N ASP B 205 17.03 -28.52 17.80
CA ASP B 205 17.27 -28.74 19.23
C ASP B 205 16.35 -27.82 20.02
N ILE B 206 16.24 -26.56 19.60
CA ILE B 206 15.41 -25.60 20.34
C ILE B 206 13.93 -26.02 20.24
N PHE B 207 13.49 -26.40 19.05
CA PHE B 207 12.12 -26.95 18.90
C PHE B 207 11.92 -28.07 19.95
N ASN B 208 12.86 -29.02 19.99
CA ASN B 208 12.71 -30.19 20.88
C ASN B 208 12.62 -29.72 22.34
N ARG B 209 13.45 -28.74 22.74
CA ARG B 209 13.43 -28.26 24.13
C ARG B 209 12.01 -27.74 24.45
N LEU B 210 11.41 -27.03 23.50
CA LEU B 210 10.12 -26.37 23.78
C LEU B 210 9.04 -27.44 23.96
N VAL B 211 9.03 -28.43 23.09
CA VAL B 211 8.05 -29.50 23.18
C VAL B 211 8.25 -30.33 24.40
N PHE B 212 9.50 -30.61 24.72
CA PHE B 212 9.79 -31.30 25.99
C PHE B 212 9.32 -30.56 27.22
N ARG B 213 9.19 -29.26 27.13
CA ARG B 213 8.72 -28.52 28.28
C ARG B 213 7.25 -28.20 28.09
N GLY B 214 6.54 -28.88 27.17
CA GLY B 214 5.07 -28.84 27.21
C GLY B 214 4.46 -27.72 26.36
N MET B 215 5.28 -27.12 25.51
CA MET B 215 4.85 -26.01 24.66
C MET B 215 4.54 -26.46 23.26
N SER B 216 3.85 -25.61 22.53
CA SER B 216 3.52 -25.89 21.16
C SER B 216 3.93 -24.66 20.36
N ILE B 217 4.10 -24.77 19.04
CA ILE B 217 4.59 -23.62 18.24
C ILE B 217 3.42 -22.80 17.66
N SER B 218 3.37 -21.51 17.94
CA SER B 218 2.36 -20.58 17.34
C SER B 218 2.92 -19.95 16.07
N ARG B 219 2.10 -19.82 15.02
CA ARG B 219 2.55 -19.27 13.71
C ARG B 219 1.50 -18.35 13.10
N PRO B 220 1.90 -17.25 12.46
CA PRO B 220 0.89 -16.54 11.62
C PRO B 220 0.58 -17.46 10.42
N ASN B 221 -0.40 -17.09 9.57
CA ASN B 221 -0.71 -17.90 8.39
C ASN B 221 0.38 -17.69 7.38
N ALA B 222 0.34 -18.48 6.30
CA ALA B 222 1.40 -18.52 5.33
C ALA B 222 1.49 -17.22 4.55
N VAL B 223 0.36 -16.52 4.37
CA VAL B 223 0.40 -15.27 3.60
C VAL B 223 1.02 -14.18 4.45
N VAL B 224 0.54 -14.06 5.70
CA VAL B 224 1.07 -13.02 6.58
C VAL B 224 2.58 -13.34 6.86
N GLY B 225 2.95 -14.63 6.90
CA GLY B 225 4.33 -14.99 7.29
C GLY B 225 5.34 -15.04 6.17
N THR B 226 4.95 -14.56 5.00
CA THR B 226 5.84 -14.57 3.86
CA THR B 226 5.83 -14.56 3.85
C THR B 226 7.11 -13.78 4.14
N THR B 227 8.27 -14.39 3.86
CA THR B 227 9.56 -13.83 4.25
C THR B 227 10.53 -13.93 3.07
N ARG B 228 11.36 -12.90 2.85
CA ARG B 228 12.42 -12.91 1.85
C ARG B 228 13.75 -13.22 2.52
N HIS B 229 14.53 -14.09 1.89
CA HIS B 229 15.91 -14.37 2.25
C HIS B 229 16.84 -13.66 1.31
N ILE B 230 17.86 -13.00 1.83
CA ILE B 230 18.83 -12.41 0.91
C ILE B 230 19.75 -13.47 0.36
N ARG B 231 19.68 -13.74 -0.96
CA ARG B 231 20.58 -14.76 -1.53
C ARG B 231 22.02 -14.35 -1.28
N HIS B 232 22.85 -15.32 -0.96
CA HIS B 232 24.26 -15.07 -0.74
C HIS B 232 25.04 -16.37 -1.01
N SER B 233 26.34 -16.26 -1.23
CA SER B 233 27.13 -17.47 -1.40
C SER B 233 27.51 -18.01 -0.02
N ARG B 234 28.07 -19.21 0.04
CA ARG B 234 28.27 -19.84 1.32
C ARG B 234 29.24 -19.02 2.16
N ASP B 235 29.03 -19.04 3.48
CA ASP B 235 29.97 -18.42 4.41
C ASP B 235 31.16 -19.37 4.49
N LYS B 236 32.33 -18.90 4.89
CA LYS B 236 33.35 -19.82 5.39
C LYS B 236 33.12 -20.06 6.90
N LYS B 237 33.70 -21.11 7.46
CA LYS B 237 33.68 -21.37 8.91
C LYS B 237 32.26 -21.54 9.48
N ASN B 238 31.32 -21.96 8.62
CA ASN B 238 30.07 -22.49 9.15
C ASN B 238 29.67 -23.77 8.40
N GLU B 239 30.62 -24.69 8.19
CA GLU B 239 30.36 -25.93 7.45
C GLU B 239 29.32 -26.78 8.20
N PRO B 240 28.50 -27.56 7.47
CA PRO B 240 27.55 -28.46 8.14
C PRO B 240 28.25 -29.26 9.23
N ASN B 241 27.62 -29.27 10.39
CA ASN B 241 28.12 -29.99 11.54
C ASN B 241 27.79 -31.50 11.41
N PRO B 242 28.82 -32.37 11.31
CA PRO B 242 28.51 -33.79 11.13
C PRO B 242 27.87 -34.40 12.36
N GLN B 243 28.08 -33.81 13.54
CA GLN B 243 27.48 -34.36 14.77
C GLN B 243 26.05 -33.95 15.00
N ARG B 244 25.48 -33.18 14.10
CA ARG B 244 24.21 -32.50 14.43
C ARG B 244 23.06 -33.49 14.61
N PHE B 245 23.08 -34.58 13.85
CA PHE B 245 21.97 -35.57 13.94
C PHE B 245 22.01 -36.30 15.27
N ASP B 246 23.22 -36.64 15.74
CA ASP B 246 23.40 -37.15 17.08
C ASP B 246 22.96 -36.17 18.17
N ARG B 247 23.36 -34.91 18.02
CA ARG B 247 22.99 -33.94 19.05
C ARG B 247 21.46 -33.75 19.13
N ILE B 248 20.79 -33.66 18.01
CA ILE B 248 19.33 -33.34 18.17
C ILE B 248 18.52 -34.55 18.75
N ALA B 249 19.10 -35.74 18.66
CA ALA B 249 18.42 -36.95 19.12
C ALA B 249 18.66 -37.03 20.63
N HIS B 250 19.52 -36.18 21.22
CA HIS B 250 19.76 -36.20 22.66
C HIS B 250 19.37 -34.94 23.41
N THR B 251 18.57 -34.09 22.77
CA THR B 251 18.14 -32.87 23.43
C THR B 251 17.58 -33.04 24.84
N LYS B 252 16.71 -34.03 25.01
CA LYS B 252 16.04 -34.13 26.29
C LYS B 252 17.08 -34.31 27.39
N GLU B 253 18.10 -35.11 27.09
CA GLU B 253 19.17 -35.46 28.07
C GLU B 253 20.15 -34.29 28.29
N THR B 254 20.38 -33.46 27.30
CA THR B 254 21.45 -32.46 27.41
C THR B 254 20.90 -31.09 27.85
N MET B 255 19.60 -30.86 27.65
CA MET B 255 19.05 -29.52 27.80
C MET B 255 19.10 -29.03 29.24
N LEU B 256 19.08 -29.96 30.19
CA LEU B 256 19.13 -29.53 31.61
C LEU B 256 20.49 -28.99 32.06
N SER B 257 21.56 -29.48 31.46
CA SER B 257 22.92 -29.07 31.90
C SER B 257 23.65 -28.29 30.82
N ASP B 258 23.02 -28.03 29.68
CA ASP B 258 23.68 -27.28 28.61
C ASP B 258 22.75 -26.16 28.10
N GLY B 259 23.13 -24.89 28.35
CA GLY B 259 22.34 -23.75 27.86
C GLY B 259 22.67 -22.55 28.71
N LEU B 260 21.63 -21.86 29.16
CA LEU B 260 21.78 -20.62 29.88
C LEU B 260 22.62 -20.89 31.14
N ASN B 261 22.37 -22.03 31.80
CA ASN B 261 23.07 -22.31 33.05
C ASN B 261 24.51 -22.74 32.83
N SER B 262 24.95 -22.95 31.59
CA SER B 262 26.34 -23.35 31.38
C SER B 262 27.06 -22.37 30.44
N LEU B 263 26.43 -21.23 30.20
CA LEU B 263 26.91 -20.32 29.16
C LEU B 263 28.18 -19.57 29.61
N THR B 264 29.24 -19.59 28.82
CA THR B 264 30.37 -18.73 29.17
C THR B 264 30.87 -18.07 27.92
N TYR B 265 31.39 -16.85 28.07
CA TYR B 265 31.92 -16.17 26.88
C TYR B 265 32.65 -14.95 27.42
N GLN B 266 33.41 -14.27 26.57
CA GLN B 266 34.03 -13.01 26.98
C GLN B 266 33.62 -11.92 25.99
N VAL B 267 32.95 -10.88 26.49
CA VAL B 267 32.62 -9.72 25.65
C VAL B 267 33.89 -8.93 25.35
N LEU B 268 34.23 -8.69 24.09
CA LEU B 268 35.37 -7.85 23.74
C LEU B 268 35.03 -6.35 23.59
N ASP B 269 33.77 -6.04 23.24
CA ASP B 269 33.43 -4.64 22.95
C ASP B 269 31.92 -4.52 22.86
N VAL B 270 31.39 -3.36 23.25
CA VAL B 270 30.01 -3.02 23.07
C VAL B 270 29.97 -1.67 22.36
N GLN B 271 29.31 -1.58 21.22
CA GLN B 271 29.30 -0.35 20.45
C GLN B 271 27.86 0.03 20.16
N ARG B 272 27.47 1.25 20.52
CA ARG B 272 26.13 1.76 20.24
C ARG B 272 26.15 2.53 18.95
N TYR B 273 25.49 2.05 17.92
CA TYR B 273 25.35 2.83 16.70
C TYR B 273 23.96 3.44 16.67
N PRO B 274 23.74 4.44 15.81
CA PRO B 274 22.39 4.96 15.79
C PRO B 274 21.26 3.90 15.71
N LEU B 275 21.45 2.84 14.92
CA LEU B 275 20.35 1.95 14.58
C LEU B 275 20.49 0.57 15.23
N TYR B 276 21.56 0.35 16.01
CA TYR B 276 21.72 -0.95 16.67
C TYR B 276 22.82 -0.92 17.67
N THR B 277 22.77 -1.84 18.62
CA THR B 277 23.89 -2.09 19.49
C THR B 277 24.63 -3.33 19.00
N GLN B 278 25.96 -3.24 18.88
CA GLN B 278 26.73 -4.43 18.47
C GLN B 278 27.62 -4.89 19.61
N ILE B 279 27.45 -6.15 20.03
CA ILE B 279 28.23 -6.74 21.12
C ILE B 279 29.14 -7.76 20.43
N THR B 280 30.44 -7.54 20.47
CA THR B 280 31.39 -8.48 19.88
C THR B 280 31.88 -9.36 20.96
N VAL B 281 31.89 -10.67 20.71
CA VAL B 281 32.04 -11.58 21.83
C VAL B 281 32.93 -12.76 21.44
N ASP B 282 33.80 -13.16 22.36
CA ASP B 282 34.56 -14.38 22.15
C ASP B 282 33.79 -15.55 22.78
N ILE B 283 33.22 -16.44 21.97
CA ILE B 283 32.39 -17.52 22.49
C ILE B 283 33.15 -18.86 22.47
N GLY B 284 34.44 -18.82 22.14
CA GLY B 284 35.28 -20.02 22.25
C GLY B 284 35.21 -20.95 21.04
N THR B 285 35.71 -22.17 21.24
CA THR B 285 35.86 -23.09 20.12
C THR B 285 35.34 -24.49 20.52
N PRO B 286 35.07 -25.38 19.57
CA PRO B 286 34.68 -26.77 19.92
C PRO B 286 35.78 -27.43 20.74
N SER B 287 35.42 -28.41 21.58
CA SER B 287 36.42 -29.36 22.11
C SER B 287 37.29 -30.01 21.04
N SER C 15 14.26 -30.22 -7.15
CA SER C 15 13.68 -29.12 -8.00
C SER C 15 12.41 -28.50 -7.37
N LEU C 16 12.00 -27.36 -7.94
CA LEU C 16 11.14 -26.40 -7.26
C LEU C 16 9.72 -26.90 -6.97
N PRO C 17 9.18 -26.53 -5.79
CA PRO C 17 7.75 -26.74 -5.52
C PRO C 17 6.87 -25.84 -6.38
N ALA C 18 5.60 -26.21 -6.52
CA ALA C 18 4.61 -25.42 -7.23
C ALA C 18 4.46 -24.11 -6.46
N CYS C 19 4.20 -23.00 -7.14
CA CYS C 19 3.90 -21.74 -6.42
C CYS C 19 2.59 -21.92 -5.65
N PRO C 20 2.36 -21.09 -4.57
CA PRO C 20 1.04 -21.15 -3.95
C PRO C 20 -0.04 -20.86 -5.00
N GLU C 21 -1.21 -21.42 -4.78
CA GLU C 21 -2.33 -21.25 -5.72
C GLU C 21 -2.68 -19.78 -5.94
N GLU C 22 -2.69 -18.97 -4.88
CA GLU C 22 -2.73 -17.53 -5.10
CA GLU C 22 -2.75 -17.54 -5.09
C GLU C 22 -1.45 -16.95 -4.58
N SER C 23 -0.90 -15.96 -5.25
CA SER C 23 0.33 -15.40 -4.80
C SER C 23 0.23 -14.73 -3.42
N PRO C 24 1.23 -14.94 -2.53
CA PRO C 24 1.23 -14.26 -1.24
C PRO C 24 1.86 -12.86 -1.34
N LEU C 25 2.32 -12.44 -2.54
CA LEU C 25 3.05 -11.17 -2.74
C LEU C 25 2.16 -9.97 -3.12
N LEU C 26 0.88 -10.23 -3.37
CA LEU C 26 -0.04 -9.23 -3.89
C LEU C 26 -0.26 -8.12 -2.85
N VAL C 27 -0.30 -6.87 -3.34
CA VAL C 27 -0.58 -5.70 -2.52
C VAL C 27 -1.98 -5.15 -2.68
N GLY C 28 -2.71 -5.59 -3.69
CA GLY C 28 -4.04 -5.07 -3.92
C GLY C 28 -4.07 -3.73 -4.71
N PRO C 29 -4.89 -2.76 -4.26
CA PRO C 29 -5.10 -1.52 -5.07
C PRO C 29 -3.84 -0.71 -5.11
N MET C 30 -3.53 -0.05 -6.22
CA MET C 30 -2.27 0.69 -6.36
C MET C 30 -2.54 2.09 -6.92
N LEU C 31 -1.53 2.95 -6.81
CA LEU C 31 -1.57 4.33 -7.34
C LEU C 31 -1.07 4.34 -8.80
N ILE C 32 -1.89 4.86 -9.71
CA ILE C 32 -1.56 4.83 -11.13
C ILE C 32 -1.50 6.25 -11.71
N GLU C 33 -0.32 6.67 -12.17
CA GLU C 33 -0.07 8.05 -12.69
C GLU C 33 0.34 8.00 -14.14
N PHE C 34 -0.22 8.87 -14.99
CA PHE C 34 0.36 9.08 -16.34
C PHE C 34 0.95 10.47 -16.66
N ASN C 35 1.57 11.16 -15.71
CA ASN C 35 2.04 12.51 -16.04
C ASN C 35 3.53 12.70 -15.83
N MET C 36 4.31 11.63 -15.96
CA MET C 36 5.75 11.74 -15.75
C MET C 36 6.47 11.04 -16.88
N PRO C 37 7.73 11.45 -17.16
CA PRO C 37 8.60 10.74 -18.10
C PRO C 37 8.88 9.34 -17.57
N VAL C 38 8.78 8.35 -18.45
CA VAL C 38 9.27 6.99 -18.18
C VAL C 38 10.57 6.78 -18.93
N ASP C 39 11.60 6.33 -18.23
CA ASP C 39 12.84 5.93 -18.85
C ASP C 39 13.05 4.41 -18.77
N LEU C 40 12.92 3.74 -19.92
CA LEU C 40 12.94 2.28 -19.98
C LEU C 40 14.22 1.65 -19.48
N GLU C 41 15.32 2.40 -19.49
CA GLU C 41 16.56 1.86 -18.95
C GLU C 41 16.46 1.73 -17.41
N LEU C 42 15.69 2.65 -16.84
CA LEU C 42 15.47 2.72 -15.41
C LEU C 42 14.44 1.64 -15.02
N VAL C 43 13.36 1.53 -15.79
CA VAL C 43 12.38 0.45 -15.59
C VAL C 43 13.07 -0.92 -15.53
N ALA C 44 14.05 -1.14 -16.40
CA ALA C 44 14.76 -2.41 -16.42
C ALA C 44 15.64 -2.60 -15.17
N LYS C 45 16.30 -1.51 -14.76
CA LYS C 45 17.07 -1.51 -13.52
C LYS C 45 16.18 -1.79 -12.31
N GLN C 46 14.97 -1.24 -12.32
CA GLN C 46 13.98 -1.53 -11.28
C GLN C 46 13.40 -2.96 -11.35
N ASN C 47 13.50 -3.59 -12.52
CA ASN C 47 12.95 -4.92 -12.71
C ASN C 47 14.04 -5.88 -13.13
N PRO C 48 15.07 -6.07 -12.28
CA PRO C 48 16.23 -6.79 -12.78
C PRO C 48 16.01 -8.29 -13.01
N ASN C 49 14.92 -8.87 -12.53
CA ASN C 49 14.69 -10.27 -12.86
C ASN C 49 14.02 -10.51 -14.22
N VAL C 50 13.57 -9.44 -14.88
CA VAL C 50 12.97 -9.59 -16.22
C VAL C 50 14.13 -9.79 -17.20
N LYS C 51 14.14 -10.95 -17.88
CA LYS C 51 15.24 -11.30 -18.81
C LYS C 51 14.93 -10.83 -20.24
N MET C 52 15.95 -10.88 -21.10
CA MET C 52 15.86 -10.23 -22.40
C MET C 52 14.63 -10.70 -23.16
N GLY C 53 13.96 -9.78 -23.85
CA GLY C 53 12.75 -10.10 -24.58
C GLY C 53 11.54 -10.04 -23.68
N GLY C 54 11.73 -9.54 -22.45
CA GLY C 54 10.60 -9.35 -21.53
C GLY C 54 10.04 -10.63 -20.94
N ARG C 55 10.91 -11.52 -20.45
CA ARG C 55 10.52 -12.85 -19.99
C ARG C 55 10.82 -12.97 -18.50
N TYR C 56 9.92 -13.61 -17.76
CA TYR C 56 10.14 -13.78 -16.32
C TYR C 56 9.48 -15.02 -15.85
N ALA C 57 10.11 -15.74 -14.93
CA ALA C 57 9.41 -16.76 -14.16
C ALA C 57 9.99 -16.72 -12.75
N PRO C 58 9.21 -17.11 -11.73
CA PRO C 58 9.70 -17.10 -10.34
C PRO C 58 10.95 -17.96 -10.17
N ARG C 59 11.90 -17.43 -9.44
CA ARG C 59 13.03 -18.22 -9.07
C ARG C 59 12.69 -19.34 -8.06
N ASP C 60 11.69 -19.14 -7.18
CA ASP C 60 11.57 -20.02 -6.02
C ASP C 60 10.46 -21.09 -6.14
N CYS C 61 9.66 -21.03 -7.19
CA CYS C 61 8.61 -22.01 -7.32
C CYS C 61 8.19 -22.05 -8.78
N VAL C 62 7.49 -23.11 -9.15
CA VAL C 62 7.02 -23.29 -10.52
C VAL C 62 5.61 -22.76 -10.58
N SER C 63 5.38 -21.85 -11.52
CA SER C 63 4.03 -21.35 -11.77
C SER C 63 3.33 -22.28 -12.80
N PRO C 64 2.05 -22.59 -12.58
CA PRO C 64 1.20 -23.25 -13.63
C PRO C 64 0.77 -22.32 -14.76
N HIS C 65 1.04 -21.02 -14.59
CA HIS C 65 0.47 -20.07 -15.50
C HIS C 65 1.59 -19.74 -16.43
N LYS C 66 1.51 -20.22 -17.67
CA LYS C 66 2.55 -19.95 -18.64
C LYS C 66 1.87 -19.07 -19.70
N VAL C 67 2.15 -17.78 -19.66
CA VAL C 67 1.20 -16.77 -20.15
C VAL C 67 1.96 -15.91 -21.12
N ALA C 68 1.44 -15.84 -22.33
CA ALA C 68 2.03 -14.92 -23.28
C ALA C 68 1.12 -13.71 -23.23
N ILE C 69 1.68 -12.54 -23.00
CA ILE C 69 0.87 -11.32 -23.03
C ILE C 69 1.10 -10.60 -24.33
N ILE C 70 -0.01 -10.38 -25.01
CA ILE C 70 0.06 -9.96 -26.40
C ILE C 70 -0.61 -8.61 -26.61
N ILE C 71 0.16 -7.64 -27.07
CA ILE C 71 -0.29 -6.26 -27.21
C ILE C 71 -0.36 -5.90 -28.72
N PRO C 72 -1.57 -5.59 -29.21
CA PRO C 72 -1.65 -5.13 -30.60
C PRO C 72 -1.10 -3.71 -30.64
N PHE C 73 -0.31 -3.37 -31.64
CA PHE C 73 0.44 -2.13 -31.57
C PHE C 73 0.75 -1.49 -32.95
N ARG C 74 0.71 -0.14 -33.01
CA ARG C 74 1.47 0.68 -33.97
C ARG C 74 1.55 2.10 -33.49
N ASN C 75 2.75 2.65 -33.40
CA ASN C 75 2.92 4.08 -33.08
C ASN C 75 2.29 4.52 -31.75
N ARG C 76 2.45 3.72 -30.68
CA ARG C 76 2.04 4.11 -29.33
C ARG C 76 3.16 3.89 -28.33
N GLN C 77 4.34 4.43 -28.63
CA GLN C 77 5.49 4.07 -27.88
C GLN C 77 5.38 4.65 -26.48
N GLU C 78 4.74 5.80 -26.34
CA GLU C 78 4.65 6.49 -25.07
C GLU C 78 3.70 5.72 -24.13
N HIS C 79 2.57 5.25 -24.66
CA HIS C 79 1.69 4.34 -23.94
C HIS C 79 2.44 3.09 -23.50
N LEU C 80 3.21 2.51 -24.39
CA LEU C 80 3.83 1.23 -24.14
C LEU C 80 4.79 1.41 -22.97
N LYS C 81 5.42 2.58 -22.88
CA LYS C 81 6.37 2.81 -21.82
C LYS C 81 5.67 2.80 -20.44
N TYR C 82 4.45 3.33 -20.37
CA TYR C 82 3.66 3.28 -19.14
C TYR C 82 3.15 1.84 -18.91
N TRP C 83 2.76 1.15 -19.97
CA TRP C 83 2.23 -0.17 -19.81
C TRP C 83 3.31 -1.00 -19.14
N LEU C 84 4.54 -0.87 -19.59
CA LEU C 84 5.61 -1.73 -19.14
C LEU C 84 6.08 -1.35 -17.71
N TYR C 85 6.08 -0.06 -17.43
CA TYR C 85 6.39 0.48 -16.10
C TYR C 85 5.46 -0.14 -15.05
N TYR C 86 4.18 -0.22 -15.38
CA TYR C 86 3.14 -0.61 -14.44
C TYR C 86 3.00 -2.13 -14.38
N LEU C 87 2.96 -2.77 -15.55
CA LEU C 87 2.65 -4.19 -15.61
C LEU C 87 3.78 -5.10 -15.17
N HIS C 88 5.03 -4.74 -15.46
CA HIS C 88 6.04 -5.67 -15.12
C HIS C 88 6.04 -5.96 -13.58
N PRO C 89 6.01 -4.92 -12.69
CA PRO C 89 5.96 -5.27 -11.25
C PRO C 89 4.81 -6.14 -10.88
N VAL C 90 3.64 -5.89 -11.44
CA VAL C 90 2.42 -6.61 -11.18
C VAL C 90 2.44 -8.08 -11.61
N LEU C 91 2.97 -8.32 -12.81
CA LEU C 91 2.98 -9.68 -13.33
C LEU C 91 3.98 -10.50 -12.49
N GLN C 92 5.07 -9.87 -12.05
CA GLN C 92 6.02 -10.60 -11.23
C GLN C 92 5.38 -10.98 -9.89
N ARG C 93 4.60 -10.08 -9.31
CA ARG C 93 3.98 -10.33 -8.00
C ARG C 93 2.95 -11.42 -8.15
N GLN C 94 2.37 -11.55 -9.35
CA GLN C 94 1.41 -12.60 -9.60
C GLN C 94 2.06 -13.96 -9.82
N GLN C 95 3.39 -14.02 -9.71
CA GLN C 95 4.19 -15.25 -9.84
C GLN C 95 3.92 -16.00 -11.17
N LEU C 96 3.87 -15.25 -12.26
CA LEU C 96 3.58 -15.87 -13.54
C LEU C 96 4.85 -16.20 -14.28
N ASP C 97 4.78 -17.22 -15.13
CA ASP C 97 5.87 -17.51 -16.03
C ASP C 97 5.43 -16.89 -17.36
N TYR C 98 5.97 -15.72 -17.69
CA TYR C 98 5.31 -14.91 -18.69
C TYR C 98 6.28 -14.28 -19.68
N GLY C 99 5.73 -13.79 -20.80
CA GLY C 99 6.53 -13.11 -21.78
C GLY C 99 5.67 -12.05 -22.41
N ILE C 100 6.30 -10.92 -22.73
CA ILE C 100 5.59 -9.78 -23.33
C ILE C 100 5.88 -9.75 -24.87
N TYR C 101 4.80 -9.72 -25.65
CA TYR C 101 4.85 -9.59 -27.11
C TYR C 101 4.02 -8.38 -27.63
N VAL C 102 4.73 -7.41 -28.18
CA VAL C 102 4.16 -6.27 -28.86
C VAL C 102 4.08 -6.62 -30.38
N ILE C 103 2.86 -6.74 -30.89
CA ILE C 103 2.70 -7.05 -32.31
C ILE C 103 2.56 -5.74 -33.05
N ASN C 104 3.64 -5.27 -33.68
CA ASN C 104 3.70 -3.99 -34.34
C ASN C 104 3.26 -4.15 -35.82
N GLN C 105 2.18 -3.46 -36.22
CA GLN C 105 1.70 -3.53 -37.62
C GLN C 105 2.65 -2.78 -38.54
N ALA C 106 3.35 -3.50 -39.40
CA ALA C 106 4.17 -2.86 -40.44
C ALA C 106 3.32 -1.96 -41.34
N GLY C 107 3.90 -0.84 -41.75
CA GLY C 107 3.35 -0.02 -42.83
C GLY C 107 2.33 0.96 -42.32
N ASP C 108 1.66 1.66 -43.25
CA ASP C 108 0.77 2.76 -42.90
C ASP C 108 -0.66 2.60 -43.36
N THR C 109 -1.09 1.39 -43.65
CA THR C 109 -2.50 1.19 -43.98
C THR C 109 -3.40 0.85 -42.78
N ILE C 110 -4.68 0.60 -43.06
CA ILE C 110 -5.70 0.57 -42.03
C ILE C 110 -5.33 -0.51 -41.00
N PHE C 111 -5.55 -0.18 -39.73
CA PHE C 111 -5.20 -1.06 -38.59
C PHE C 111 -6.10 -2.30 -38.49
N ASN C 112 -5.49 -3.43 -38.12
CA ASN C 112 -6.33 -4.57 -37.84
C ASN C 112 -6.01 -5.20 -36.47
N ARG C 113 -6.69 -4.72 -35.42
CA ARG C 113 -6.44 -5.23 -34.05
C ARG C 113 -6.44 -6.74 -33.90
N ALA C 114 -7.54 -7.41 -34.29
CA ALA C 114 -7.73 -8.85 -34.04
C ALA C 114 -6.71 -9.72 -34.79
N LYS C 115 -6.27 -9.26 -35.95
CA LYS C 115 -5.34 -10.04 -36.73
C LYS C 115 -3.96 -9.95 -36.10
N LEU C 116 -3.58 -8.78 -35.61
CA LEU C 116 -2.35 -8.68 -34.83
C LEU C 116 -2.38 -9.60 -33.61
N LEU C 117 -3.53 -9.67 -32.94
CA LEU C 117 -3.71 -10.63 -31.86
C LEU C 117 -3.45 -12.09 -32.30
N ASN C 118 -4.05 -12.49 -33.42
CA ASN C 118 -3.80 -13.85 -33.93
C ASN C 118 -2.32 -14.12 -34.22
N VAL C 119 -1.64 -13.14 -34.77
CA VAL C 119 -0.22 -13.26 -35.07
C VAL C 119 0.50 -13.50 -33.73
N GLY C 120 0.12 -12.77 -32.67
CA GLY C 120 0.80 -12.93 -31.38
C GLY C 120 0.70 -14.36 -30.85
N PHE C 121 -0.50 -14.93 -30.93
CA PHE C 121 -0.72 -16.27 -30.49
C PHE C 121 0.26 -17.19 -31.22
N GLN C 122 0.24 -17.11 -32.56
CA GLN C 122 1.03 -18.06 -33.32
C GLN C 122 2.53 -17.88 -33.08
N GLU C 123 3.01 -16.64 -33.11
CA GLU C 123 4.43 -16.36 -32.91
C GLU C 123 4.97 -16.64 -31.51
N ALA C 124 4.19 -16.32 -30.47
CA ALA C 124 4.65 -16.56 -29.11
C ALA C 124 4.84 -18.04 -28.93
N LEU C 125 3.91 -18.82 -29.47
CA LEU C 125 4.03 -20.26 -29.34
C LEU C 125 5.31 -20.83 -30.00
N LYS C 126 5.95 -20.10 -30.91
CA LYS C 126 7.25 -20.53 -31.41
C LYS C 126 8.43 -20.25 -30.47
N ASP C 127 8.26 -19.33 -29.51
CA ASP C 127 9.28 -19.14 -28.45
C ASP C 127 9.18 -20.20 -27.37
N TYR C 128 7.98 -20.58 -26.99
CA TYR C 128 7.86 -21.27 -25.70
C TYR C 128 6.50 -21.94 -25.65
N ASP C 129 6.40 -22.97 -24.84
CA ASP C 129 5.15 -23.68 -24.64
C ASP C 129 4.08 -22.96 -23.78
N TYR C 130 3.72 -21.72 -24.11
CA TYR C 130 2.66 -21.01 -23.36
C TYR C 130 1.33 -21.72 -23.45
N THR C 131 0.55 -21.69 -22.37
CA THR C 131 -0.74 -22.33 -22.41
C THR C 131 -1.87 -21.34 -22.10
N CYS C 132 -1.52 -20.08 -22.08
CA CYS C 132 -2.47 -19.05 -21.62
C CYS C 132 -2.07 -17.79 -22.34
N PHE C 133 -3.06 -17.10 -22.90
CA PHE C 133 -2.77 -15.87 -23.63
C PHE C 133 -3.63 -14.71 -23.11
N VAL C 134 -2.97 -13.62 -22.76
CA VAL C 134 -3.67 -12.44 -22.32
C VAL C 134 -3.53 -11.46 -23.47
N PHE C 135 -4.65 -10.98 -23.96
CA PHE C 135 -4.69 -10.00 -25.01
C PHE C 135 -4.98 -8.63 -24.41
N SER C 136 -4.01 -7.74 -24.40
CA SER C 136 -4.19 -6.44 -23.79
C SER C 136 -3.93 -5.24 -24.72
N ASP C 137 -4.88 -4.31 -24.84
CA ASP C 137 -4.59 -3.00 -25.46
C ASP C 137 -3.48 -2.37 -24.69
N VAL C 138 -2.72 -1.48 -25.33
CA VAL C 138 -1.49 -1.01 -24.78
C VAL C 138 -1.77 0.14 -23.78
N ASP C 139 -3.00 0.63 -23.74
CA ASP C 139 -3.25 1.82 -22.93
C ASP C 139 -4.21 1.49 -21.82
N LEU C 140 -4.25 0.21 -21.39
CA LEU C 140 -5.09 -0.18 -20.27
C LEU C 140 -4.23 -0.71 -19.12
N ILE C 141 -4.37 -0.08 -17.95
CA ILE C 141 -3.53 -0.39 -16.78
C ILE C 141 -4.39 -0.85 -15.59
N PRO C 142 -4.11 -2.04 -15.02
CA PRO C 142 -4.97 -2.52 -13.92
C PRO C 142 -4.58 -1.74 -12.66
N MET C 143 -5.54 -1.41 -11.78
CA MET C 143 -5.20 -0.69 -10.53
C MET C 143 -5.05 -1.63 -9.35
N ASN C 144 -5.37 -2.90 -9.58
CA ASN C 144 -5.42 -3.86 -8.46
C ASN C 144 -4.78 -5.20 -8.87
N ASP C 145 -3.66 -5.54 -8.24
CA ASP C 145 -2.91 -6.75 -8.62
C ASP C 145 -3.58 -8.03 -8.25
N HIS C 146 -4.78 -7.98 -7.67
CA HIS C 146 -5.57 -9.19 -7.42
C HIS C 146 -6.29 -9.56 -8.71
N ASN C 147 -6.20 -8.68 -9.70
CA ASN C 147 -6.87 -8.92 -10.98
C ASN C 147 -5.93 -9.80 -11.84
N ALA C 148 -6.18 -11.08 -11.89
CA ALA C 148 -5.16 -12.05 -12.33
C ALA C 148 -4.99 -11.95 -13.84
N TYR C 149 -3.77 -11.70 -14.31
CA TYR C 149 -3.51 -11.75 -15.74
C TYR C 149 -3.19 -13.18 -16.21
N ARG C 150 -4.14 -14.08 -16.05
CA ARG C 150 -3.88 -15.46 -16.50
C ARG C 150 -5.22 -16.08 -16.82
N CYS C 151 -5.20 -17.36 -17.22
CA CYS C 151 -6.40 -18.07 -17.67
C CYS C 151 -7.20 -18.81 -16.63
N PHE C 152 -8.49 -19.00 -16.90
CA PHE C 152 -9.43 -19.63 -15.98
C PHE C 152 -10.14 -20.74 -16.76
N SER C 153 -11.01 -21.47 -16.09
CA SER C 153 -11.68 -22.58 -16.73
C SER C 153 -12.71 -22.08 -17.74
N GLN C 154 -13.02 -20.78 -17.75
CA GLN C 154 -13.80 -20.14 -18.82
C GLN C 154 -13.01 -18.91 -19.28
N PRO C 155 -13.29 -18.44 -20.51
CA PRO C 155 -12.60 -17.28 -21.03
C PRO C 155 -12.77 -16.11 -20.07
N ARG C 156 -11.72 -15.31 -19.95
CA ARG C 156 -11.63 -14.38 -18.81
C ARG C 156 -11.64 -12.97 -19.36
N HIS C 157 -12.67 -12.22 -19.00
CA HIS C 157 -12.63 -10.77 -19.23
C HIS C 157 -12.01 -10.00 -18.03
N ILE C 158 -10.93 -9.27 -18.27
CA ILE C 158 -10.07 -8.72 -17.24
C ILE C 158 -10.29 -7.22 -17.00
N SER C 159 -10.43 -6.41 -18.06
CA SER C 159 -10.62 -4.94 -17.89
C SER C 159 -12.12 -4.66 -17.72
N VAL C 160 -12.66 -5.02 -16.56
CA VAL C 160 -14.10 -4.99 -16.31
C VAL C 160 -14.65 -3.63 -15.82
N ALA C 161 -13.81 -2.79 -15.26
CA ALA C 161 -14.27 -1.52 -14.67
C ALA C 161 -13.32 -0.42 -15.09
N MET C 162 -13.35 -0.04 -16.36
CA MET C 162 -12.46 1.00 -16.86
C MET C 162 -12.96 2.38 -16.48
N ASP C 163 -12.06 3.27 -16.13
CA ASP C 163 -12.49 4.65 -15.82
C ASP C 163 -13.33 5.25 -16.97
N LYS C 164 -12.79 5.12 -18.18
CA LYS C 164 -13.46 5.73 -19.31
C LYS C 164 -14.87 5.23 -19.54
N PHE C 165 -15.27 4.11 -18.96
CA PHE C 165 -16.68 3.72 -19.00
C PHE C 165 -17.36 3.93 -17.64
N GLY C 166 -16.86 4.88 -16.85
CA GLY C 166 -17.46 5.12 -15.52
C GLY C 166 -17.33 3.93 -14.57
N PHE C 167 -16.22 3.21 -14.68
CA PHE C 167 -15.92 2.13 -13.74
C PHE C 167 -16.93 1.00 -13.71
N SER C 168 -17.62 0.77 -14.82
CA SER C 168 -18.31 -0.49 -14.98
C SER C 168 -18.19 -0.93 -16.45
N LEU C 169 -18.92 -1.98 -16.83
CA LEU C 169 -18.92 -2.44 -18.21
C LEU C 169 -19.77 -1.50 -19.03
N PRO C 170 -19.41 -1.27 -20.31
CA PRO C 170 -20.32 -0.48 -21.14
C PRO C 170 -21.54 -1.25 -21.59
N TYR C 171 -21.50 -2.58 -21.51
CA TYR C 171 -22.69 -3.40 -21.68
C TYR C 171 -22.27 -4.81 -21.28
N VAL C 172 -23.22 -5.66 -20.90
CA VAL C 172 -22.86 -6.89 -20.20
C VAL C 172 -22.04 -7.88 -21.06
N GLN C 173 -22.15 -7.75 -22.38
CA GLN C 173 -21.48 -8.66 -23.30
C GLN C 173 -20.19 -8.06 -23.87
N TYR C 174 -19.75 -6.93 -23.32
CA TYR C 174 -18.49 -6.35 -23.66
C TYR C 174 -17.28 -7.23 -23.27
N PHE C 175 -16.37 -7.40 -24.24
CA PHE C 175 -15.24 -8.31 -24.14
C PHE C 175 -13.99 -7.67 -24.70
N GLY C 176 -14.03 -6.35 -24.86
CA GLY C 176 -12.82 -5.65 -25.27
C GLY C 176 -11.82 -5.29 -24.18
N GLY C 177 -10.70 -4.71 -24.58
CA GLY C 177 -9.74 -4.12 -23.67
C GLY C 177 -8.65 -5.10 -23.26
N VAL C 178 -8.92 -5.90 -22.22
CA VAL C 178 -7.99 -6.93 -21.74
C VAL C 178 -8.80 -8.21 -21.51
N SER C 179 -8.35 -9.32 -22.10
CA SER C 179 -8.99 -10.60 -21.89
C SER C 179 -7.92 -11.70 -21.85
N ALA C 180 -8.28 -12.87 -21.35
CA ALA C 180 -7.38 -14.03 -21.36
C ALA C 180 -8.11 -15.25 -21.81
N LEU C 181 -7.44 -16.00 -22.69
CA LEU C 181 -7.97 -17.25 -23.19
C LEU C 181 -6.90 -18.30 -23.03
N SER C 182 -7.30 -19.47 -22.57
CA SER C 182 -6.39 -20.61 -22.56
C SER C 182 -6.13 -20.99 -24.02
N LYS C 183 -5.08 -21.78 -24.21
CA LYS C 183 -4.74 -22.19 -25.55
C LYS C 183 -5.92 -22.99 -26.12
N GLN C 184 -6.52 -23.86 -25.30
CA GLN C 184 -7.68 -24.61 -25.74
C GLN C 184 -8.87 -23.74 -26.12
N GLN C 185 -9.14 -22.73 -25.27
CA GLN C 185 -10.27 -21.85 -25.55
C GLN C 185 -10.04 -21.16 -26.87
N PHE C 186 -8.82 -20.67 -27.09
CA PHE C 186 -8.49 -20.01 -28.32
C PHE C 186 -8.63 -20.91 -29.58
N LEU C 187 -8.12 -22.13 -29.46
CA LEU C 187 -8.17 -23.11 -30.57
C LEU C 187 -9.62 -23.45 -30.86
N THR C 188 -10.42 -23.55 -29.80
CA THR C 188 -11.79 -24.01 -29.91
C THR C 188 -12.64 -23.06 -30.74
N ILE C 189 -12.32 -21.77 -30.71
CA ILE C 189 -13.06 -20.79 -31.50
C ILE C 189 -12.35 -20.40 -32.81
N ASN C 190 -11.37 -21.21 -33.22
CA ASN C 190 -10.58 -20.90 -34.41
C ASN C 190 -10.00 -19.51 -34.32
N GLY C 191 -9.55 -19.13 -33.13
CA GLY C 191 -8.91 -17.83 -32.97
C GLY C 191 -9.87 -16.69 -33.24
N PHE C 192 -9.29 -15.56 -33.62
CA PHE C 192 -10.05 -14.35 -33.80
C PHE C 192 -10.20 -14.12 -35.29
N PRO C 193 -11.22 -13.34 -35.71
CA PRO C 193 -11.44 -12.95 -37.09
C PRO C 193 -10.30 -12.11 -37.68
N ASN C 194 -10.04 -12.30 -38.98
CA ASN C 194 -8.98 -11.58 -39.71
C ASN C 194 -9.43 -10.37 -40.52
N ASN C 195 -10.74 -10.19 -40.68
CA ASN C 195 -11.29 -9.17 -41.59
C ASN C 195 -12.05 -8.01 -40.95
N TYR C 196 -11.70 -7.69 -39.70
CA TYR C 196 -12.19 -6.50 -39.07
C TYR C 196 -11.14 -5.46 -39.21
N TRP C 197 -11.27 -4.63 -40.25
CA TRP C 197 -10.28 -3.59 -40.54
C TRP C 197 -10.77 -2.25 -39.98
N GLY C 198 -9.89 -1.51 -39.31
CA GLY C 198 -10.29 -0.28 -38.66
C GLY C 198 -11.12 -0.57 -37.41
N TRP C 199 -11.54 0.50 -36.73
CA TRP C 199 -12.10 0.41 -35.38
C TRP C 199 -13.47 -0.24 -35.30
N GLY C 200 -13.64 -1.09 -34.29
CA GLY C 200 -14.97 -1.57 -33.93
C GLY C 200 -15.30 -3.00 -34.28
N GLY C 201 -15.97 -3.67 -33.36
CA GLY C 201 -16.69 -4.90 -33.66
C GLY C 201 -15.98 -6.22 -33.48
N GLU C 202 -14.66 -6.21 -33.55
CA GLU C 202 -13.91 -7.48 -33.54
C GLU C 202 -14.04 -8.21 -32.19
N ASP C 203 -14.09 -7.43 -31.11
CA ASP C 203 -14.30 -7.99 -29.75
C ASP C 203 -15.67 -8.63 -29.53
N ASP C 204 -16.72 -8.02 -30.10
CA ASP C 204 -18.07 -8.58 -30.11
C ASP C 204 -18.09 -9.89 -30.89
N ASP C 205 -17.37 -9.91 -32.02
CA ASP C 205 -17.27 -11.13 -32.80
C ASP C 205 -16.64 -12.20 -31.90
N ILE C 206 -15.55 -11.86 -31.22
CA ILE C 206 -14.86 -12.82 -30.35
C ILE C 206 -15.80 -13.32 -29.26
N PHE C 207 -16.59 -12.40 -28.70
CA PHE C 207 -17.61 -12.81 -27.74
C PHE C 207 -18.60 -13.81 -28.36
N ASN C 208 -19.08 -13.51 -29.58
CA ASN C 208 -20.02 -14.46 -30.21
C ASN C 208 -19.42 -15.85 -30.41
N ARG C 209 -18.16 -15.88 -30.80
CA ARG C 209 -17.46 -17.13 -31.03
C ARG C 209 -17.49 -17.98 -29.76
N LEU C 210 -17.12 -17.35 -28.63
CA LEU C 210 -17.03 -18.06 -27.36
C LEU C 210 -18.39 -18.61 -26.99
N VAL C 211 -19.41 -17.77 -27.17
CA VAL C 211 -20.74 -18.17 -26.76
C VAL C 211 -21.23 -19.27 -27.70
N PHE C 212 -20.96 -19.13 -28.99
CA PHE C 212 -21.34 -20.20 -29.92
C PHE C 212 -20.62 -21.50 -29.62
N ARG C 213 -19.46 -21.45 -28.97
CA ARG C 213 -18.78 -22.69 -28.63
C ARG C 213 -19.08 -23.23 -27.25
N GLY C 214 -20.16 -22.72 -26.64
CA GLY C 214 -20.60 -23.27 -25.36
C GLY C 214 -19.93 -22.71 -24.10
N MET C 215 -19.20 -21.62 -24.25
CA MET C 215 -18.50 -20.95 -23.16
C MET C 215 -19.25 -19.72 -22.61
N SER C 216 -18.82 -19.21 -21.44
CA SER C 216 -19.39 -17.98 -20.88
C SER C 216 -18.24 -17.16 -20.28
N ILE C 217 -18.43 -15.85 -20.15
CA ILE C 217 -17.36 -14.97 -19.72
C ILE C 217 -17.18 -15.01 -18.20
N SER C 218 -15.96 -15.25 -17.74
CA SER C 218 -15.62 -15.13 -16.32
C SER C 218 -15.01 -13.76 -16.05
N ARG C 219 -15.33 -13.14 -14.91
CA ARG C 219 -14.84 -11.78 -14.59
C ARG C 219 -14.52 -11.66 -13.10
N PRO C 220 -13.46 -10.91 -12.74
CA PRO C 220 -13.28 -10.49 -11.33
C PRO C 220 -14.41 -9.52 -10.96
N ASN C 221 -14.55 -9.16 -9.67
CA ASN C 221 -15.54 -8.12 -9.35
C ASN C 221 -15.13 -6.73 -9.84
N ALA C 222 -16.12 -5.84 -9.91
CA ALA C 222 -15.87 -4.47 -10.33
C ALA C 222 -14.71 -3.80 -9.62
N VAL C 223 -14.58 -4.00 -8.31
CA VAL C 223 -13.51 -3.30 -7.61
C VAL C 223 -12.12 -3.83 -7.98
N VAL C 224 -11.99 -5.14 -7.97
CA VAL C 224 -10.70 -5.73 -8.28
C VAL C 224 -10.39 -5.46 -9.76
N GLY C 225 -11.43 -5.42 -10.59
CA GLY C 225 -11.26 -5.28 -12.03
C GLY C 225 -11.11 -3.84 -12.48
N THR C 226 -10.96 -2.92 -11.52
CA THR C 226 -10.75 -1.50 -11.83
C THR C 226 -9.53 -1.27 -12.72
N THR C 227 -9.76 -0.57 -13.83
CA THR C 227 -8.73 -0.32 -14.88
C THR C 227 -8.64 1.15 -15.34
N ARG C 228 -7.45 1.71 -15.44
CA ARG C 228 -7.24 3.05 -15.98
C ARG C 228 -6.82 3.01 -17.49
N HIS C 229 -7.31 3.97 -18.25
CA HIS C 229 -7.12 4.04 -19.70
C HIS C 229 -6.33 5.30 -19.97
N ILE C 230 -5.12 5.17 -20.54
CA ILE C 230 -4.36 6.35 -20.91
C ILE C 230 -5.18 7.17 -21.93
N ARG C 231 -5.65 8.33 -21.49
CA ARG C 231 -6.40 9.27 -22.34
C ARG C 231 -5.57 9.63 -23.58
N HIS C 232 -6.19 9.65 -24.77
CA HIS C 232 -5.48 9.96 -26.03
C HIS C 232 -6.43 10.33 -27.19
N SER C 233 -5.94 11.09 -28.17
CA SER C 233 -6.79 11.42 -29.33
C SER C 233 -6.79 10.33 -30.40
N ARG C 234 -7.67 10.49 -31.40
CA ARG C 234 -7.83 9.55 -32.52
C ARG C 234 -6.51 9.04 -33.12
N ASP C 235 -6.43 7.76 -33.43
CA ASP C 235 -5.34 7.27 -34.27
C ASP C 235 -5.71 7.51 -35.74
N LYS C 236 -4.78 8.10 -36.50
CA LYS C 236 -4.84 8.04 -37.96
C LYS C 236 -4.92 6.58 -38.45
N LYS C 237 -5.65 6.33 -39.54
CA LYS C 237 -5.80 5.01 -40.18
C LYS C 237 -6.33 3.91 -39.24
N ASN C 238 -7.21 4.30 -38.34
CA ASN C 238 -8.05 3.30 -37.67
C ASN C 238 -9.51 3.76 -37.65
N GLU C 239 -10.01 4.15 -38.81
CA GLU C 239 -11.36 4.70 -38.96
C GLU C 239 -12.45 3.68 -38.60
N PRO C 240 -13.54 4.14 -37.95
CA PRO C 240 -14.68 3.25 -37.69
C PRO C 240 -15.03 2.42 -38.93
N ASN C 241 -15.06 1.10 -38.80
CA ASN C 241 -15.37 0.26 -39.94
C ASN C 241 -16.89 0.14 -40.09
N PRO C 242 -17.44 0.64 -41.21
CA PRO C 242 -18.90 0.65 -41.36
C PRO C 242 -19.51 -0.73 -41.57
N GLN C 243 -18.70 -1.73 -41.93
CA GLN C 243 -19.19 -3.10 -42.09
C GLN C 243 -19.33 -3.87 -40.77
N ARG C 244 -18.97 -3.25 -39.65
CA ARG C 244 -18.83 -4.00 -38.39
C ARG C 244 -20.12 -4.60 -37.86
N PHE C 245 -21.23 -3.88 -38.05
CA PHE C 245 -22.53 -4.40 -37.65
C PHE C 245 -23.01 -5.61 -38.46
N ASP C 246 -22.80 -5.57 -39.78
CA ASP C 246 -23.08 -6.77 -40.58
C ASP C 246 -22.18 -7.89 -40.16
N ARG C 247 -20.92 -7.57 -39.87
CA ARG C 247 -19.93 -8.59 -39.55
C ARG C 247 -20.27 -9.38 -38.28
N ILE C 248 -20.48 -8.67 -37.17
CA ILE C 248 -20.83 -9.36 -35.90
C ILE C 248 -22.10 -10.21 -36.05
N ALA C 249 -23.02 -9.79 -36.93
CA ALA C 249 -24.27 -10.54 -37.13
C ALA C 249 -24.05 -11.91 -37.79
N HIS C 250 -22.95 -12.10 -38.50
CA HIS C 250 -22.72 -13.36 -39.24
C HIS C 250 -21.60 -14.25 -38.69
N THR C 251 -21.23 -14.00 -37.43
CA THR C 251 -20.10 -14.65 -36.80
C THR C 251 -20.22 -16.17 -36.84
N LYS C 252 -21.39 -16.70 -36.53
CA LYS C 252 -21.54 -18.15 -36.43
C LYS C 252 -21.15 -18.86 -37.73
N GLU C 253 -21.34 -18.15 -38.85
CA GLU C 253 -21.03 -18.72 -40.18
C GLU C 253 -19.56 -18.48 -40.52
N THR C 254 -19.10 -17.23 -40.41
CA THR C 254 -17.77 -16.87 -40.85
C THR C 254 -16.65 -17.52 -40.03
N MET C 255 -16.94 -17.90 -38.77
CA MET C 255 -15.92 -18.38 -37.83
C MET C 255 -15.41 -19.77 -38.16
N LEU C 256 -16.20 -20.55 -38.88
CA LEU C 256 -15.73 -21.84 -39.35
C LEU C 256 -14.53 -21.63 -40.28
N SER C 257 -14.56 -20.57 -41.11
CA SER C 257 -13.61 -20.41 -42.21
C SER C 257 -12.68 -19.20 -42.09
N ASP C 258 -12.78 -18.45 -41.00
CA ASP C 258 -11.99 -17.22 -40.85
C ASP C 258 -11.44 -17.02 -39.43
N GLY C 259 -10.12 -17.02 -39.32
CA GLY C 259 -9.47 -17.09 -38.02
C GLY C 259 -8.11 -17.75 -38.17
N LEU C 260 -7.80 -18.67 -37.26
CA LEU C 260 -6.43 -19.15 -37.12
C LEU C 260 -6.06 -19.95 -38.38
N ASN C 261 -7.02 -20.74 -38.85
CA ASN C 261 -6.90 -21.53 -40.06
C ASN C 261 -6.96 -20.79 -41.40
N SER C 262 -6.99 -19.46 -41.40
CA SER C 262 -7.03 -18.71 -42.64
C SER C 262 -6.04 -17.58 -42.49
N LEU C 263 -5.29 -17.64 -41.39
CA LEU C 263 -4.40 -16.53 -41.05
C LEU C 263 -3.15 -16.56 -41.93
N THR C 264 -2.82 -15.43 -42.55
CA THR C 264 -1.63 -15.31 -43.35
C THR C 264 -1.02 -13.98 -43.00
N TYR C 265 0.30 -13.91 -42.97
CA TYR C 265 1.01 -12.69 -42.64
C TYR C 265 2.50 -12.91 -42.84
N GLN C 266 3.28 -11.84 -42.80
CA GLN C 266 4.73 -12.04 -42.84
C GLN C 266 5.52 -11.26 -41.78
N VAL C 267 6.21 -11.97 -40.90
CA VAL C 267 7.09 -11.33 -39.91
C VAL C 267 8.28 -10.70 -40.61
N LEU C 268 8.55 -9.43 -40.34
CA LEU C 268 9.66 -8.69 -40.97
C LEU C 268 10.87 -8.50 -40.04
N ASP C 269 10.62 -8.17 -38.78
CA ASP C 269 11.68 -8.17 -37.76
C ASP C 269 11.18 -8.51 -36.36
N VAL C 270 12.00 -9.21 -35.57
CA VAL C 270 11.70 -9.51 -34.17
C VAL C 270 12.82 -8.83 -33.38
N GLN C 271 12.49 -7.83 -32.56
CA GLN C 271 13.45 -7.19 -31.66
C GLN C 271 13.32 -7.81 -30.25
N ARG C 272 14.43 -8.24 -29.66
CA ARG C 272 14.40 -8.73 -28.27
C ARG C 272 14.86 -7.55 -27.42
N TYR C 273 13.94 -6.67 -27.03
CA TYR C 273 14.32 -5.58 -26.11
C TYR C 273 14.42 -6.08 -24.64
N PRO C 274 15.03 -5.29 -23.75
CA PRO C 274 15.10 -5.79 -22.37
C PRO C 274 13.75 -6.18 -21.77
N LEU C 275 12.72 -5.37 -22.04
CA LEU C 275 11.41 -5.51 -21.41
C LEU C 275 10.29 -6.12 -22.22
N TYR C 276 10.57 -6.42 -23.49
CA TYR C 276 9.55 -6.97 -24.37
C TYR C 276 10.16 -7.43 -25.71
N THR C 277 9.44 -8.31 -26.37
CA THR C 277 9.78 -8.77 -27.72
C THR C 277 8.80 -8.04 -28.65
N GLN C 278 9.32 -7.22 -29.56
CA GLN C 278 8.52 -6.60 -30.61
C GLN C 278 8.60 -7.40 -31.93
N ILE C 279 7.46 -7.87 -32.41
CA ILE C 279 7.32 -8.55 -33.69
C ILE C 279 6.62 -7.62 -34.69
N THR C 280 7.41 -7.08 -35.61
CA THR C 280 6.86 -6.20 -36.65
C THR C 280 6.42 -7.09 -37.79
N VAL C 281 5.15 -6.97 -38.18
CA VAL C 281 4.56 -7.95 -39.08
C VAL C 281 3.76 -7.25 -40.18
N ASP C 282 3.80 -7.86 -41.37
CA ASP C 282 2.99 -7.42 -42.52
C ASP C 282 1.71 -8.21 -42.49
N ILE C 283 0.60 -7.56 -42.12
CA ILE C 283 -0.65 -8.33 -42.06
C ILE C 283 -1.56 -8.14 -43.29
N GLY C 284 -1.10 -7.31 -44.24
CA GLY C 284 -1.80 -7.17 -45.52
C GLY C 284 -2.79 -6.02 -45.50
N THR C 285 -3.77 -6.07 -46.40
CA THR C 285 -4.72 -4.96 -46.56
C THR C 285 -6.07 -5.57 -46.88
N PRO C 286 -7.15 -4.78 -46.72
CA PRO C 286 -8.48 -5.32 -46.96
C PRO C 286 -8.73 -5.76 -48.42
N SER C 287 -9.76 -6.57 -48.64
CA SER C 287 -10.35 -6.80 -49.97
C SER C 287 -10.44 -5.52 -50.82
#